data_9HB3
#
_entry.id   9HB3
#
_cell.length_a   1.00
_cell.length_b   1.00
_cell.length_c   1.00
_cell.angle_alpha   90.00
_cell.angle_beta   90.00
_cell.angle_gamma   90.00
#
_symmetry.space_group_name_H-M   'P 1'
#
loop_
_entity.id
_entity.type
_entity.pdbx_description
1 polymer Mambaquaretin-1
2 polymer 'Synthetic antibody, anti-BRIL Fab fragment, Heavy chain'
3 polymer 'anti-BRIL Fab Nanobody'
4 polymer 'Synthetic antibody, anti-BRIL Fab fragment, Light chain'
5 polymer 'arginine-vasopressin (AVP) V2 receptor (V2R)-BRIL,Vasopressin V2 receptor,Vasopressin V2 receptor'
#
loop_
_entity_poly.entity_id
_entity_poly.type
_entity_poly.pdbx_seq_one_letter_code
_entity_poly.pdbx_strand_id
1 'polypeptide(L)' RPSFCNLPVKPGPCNGFFSAFYYSQKTNKCHSFTYGGCAGNANRFSTIEKCRRTCVG A
2 'polypeptide(L)'
;EISEVQLVESGGGLVQPGGSLRLSCAASGFNVVDFSLHWVRQAPGKGLEWVAYISSSSGSTSYADSVKGRFTISADTSKN
TAYLQMNSLRAEDTAVYYCARWGYWPGEPWWKAFDYWGQGTLVTVSSASTKGPSVFPLAPSSKSTSGGTAALGCLVKDYF
PEPVTVSWNSGALTSGVHTFPAVLQSSGLYSLSSVVTVPSSSLGTQTYICNVNHKPSNTKVDKKVEPKSCD
;
H
3 'polypeptide(L)'
;AQPAMAQVQLQESGGGLVQPGGSLRLSCAASGRTISRYAMSWFRQAPGKEREFVAVARRSGDGAFYADSVQGRFTVSRDD
AKNTVYLQMNSLKPEDTAVYYCAIDSDTFYSGSYDYWGQGTQVTVSSLEDYKDDKHHHHHH
;
K
4 'polypeptide(L)'
;DIQMTQSPSSLSASVGDRVTITCRASQSVSSAVAWYQQKPGKAPKLLIYSASSLYSGVPSRFSGSRSGTDFTLTISSLQP
EDFATYYCQQYLYYSLVTFGQGTKVEIKRTVAAPSVFIFPPSDEQLKSGTASVVCLLNNFYPREAKVQWKVDNALQSGNS
QESVTEQDSKDSTYSLSSTLTLSKADYEKHKVYACEVTHQGLSSPVTKSFNRGEC
;
L
5 'polypeptide(L)'
;MKTIIALSYIFCLVFADYKDDDDAWSHPQFEKGGGSGGGSGGGSWSHPQFEKLEVLQGPDYKDDDDAASTTSAVPGHPSL
PSLPSQSSQERPLDTRDPLLARAELALLSIVFVAVALSNGLVLAALARRGRRGHWAPIHVFIGHLCLADLAVALFQVLPQ
LAWKATDRFRGPDALCRAVKYLQMVGMYASSYMILAMTLDRHRAICRPMLAYRHGSGAHWNRPVLVAWAFSLLLSLPQLF
IFAQRNVEGGSGVTDCWACFAEPWGRRTYVTWIALMVFVAPTLGIAACQVLIFREIHASLVPGPSERPGGRRRGRRTGSP
GEGAHVSAAVAKTVRMTLVIVVVYVLCWAPFFLVQLWAAWDPEAPLEGAPFVLLMLLASLNSCTNPWIYASFSSSVSSEL
RSLLCCARGRTPPSLGPQDESCTTASSSLAKDTSSARRQLADLEDNWETLNDNLKVIEKADNAAQVKDALTKMRAAALDA
QKATPPKLEDKSPDSPEMKDFRHGFDILVGQIDDALKLANEGKVKEAQAAAEQLKTTRNAYIQKYLRARSTL
;
R
#
# COMPACT_ATOMS: atom_id res chain seq x y z
N PHE A 4 37.40 23.30 -67.71
CA PHE A 4 37.58 22.83 -66.33
C PHE A 4 37.27 21.34 -66.20
N CYS A 5 36.57 20.75 -67.18
CA CYS A 5 36.41 19.31 -67.20
C CYS A 5 37.75 18.67 -67.33
N ASN A 6 38.75 19.49 -67.62
CA ASN A 6 40.09 19.05 -67.80
C ASN A 6 40.96 19.45 -66.62
N LEU A 7 40.33 19.62 -65.42
CA LEU A 7 41.09 19.89 -64.19
C LEU A 7 41.17 18.63 -63.32
N PRO A 8 42.40 18.11 -62.98
CA PRO A 8 42.49 16.81 -62.27
C PRO A 8 41.86 16.82 -60.88
N VAL A 9 41.88 15.71 -60.14
CA VAL A 9 41.19 15.56 -58.87
C VAL A 9 42.19 15.34 -57.77
N LYS A 10 41.73 15.48 -56.54
CA LYS A 10 42.52 15.27 -55.37
C LYS A 10 41.46 15.31 -54.30
N PRO A 11 41.02 14.18 -53.71
CA PRO A 11 39.89 14.26 -52.78
C PRO A 11 40.18 15.32 -51.73
N GLY A 12 39.18 15.71 -50.99
CA GLY A 12 39.40 16.79 -50.07
C GLY A 12 40.23 16.33 -48.90
N PRO A 13 41.34 17.02 -48.60
CA PRO A 13 42.15 16.68 -47.41
C PRO A 13 41.32 16.49 -46.17
N CYS A 14 40.16 17.13 -46.10
CA CYS A 14 39.23 16.95 -44.99
C CYS A 14 38.58 15.59 -45.13
N ASN A 15 38.95 14.65 -44.26
CA ASN A 15 38.34 13.33 -44.30
C ASN A 15 36.82 13.43 -44.28
N GLY A 16 36.20 12.96 -45.34
CA GLY A 16 34.76 13.10 -45.51
C GLY A 16 34.29 12.21 -46.64
N PHE A 17 32.97 12.10 -46.76
CA PHE A 17 32.38 11.15 -47.69
C PHE A 17 31.24 11.79 -48.49
N PHE A 18 31.48 12.97 -49.03
CA PHE A 18 30.51 13.56 -49.93
C PHE A 18 30.50 12.79 -51.24
N SER A 19 29.31 12.60 -51.80
CA SER A 19 29.22 12.06 -53.15
C SER A 19 29.63 13.13 -54.16
N ALA A 20 30.32 12.70 -55.21
CA ALA A 20 30.63 13.65 -56.27
C ALA A 20 30.89 12.88 -57.55
N PHE A 21 30.89 13.60 -58.66
CA PHE A 21 31.20 13.02 -59.96
C PHE A 21 32.19 13.93 -60.69
N TYR A 22 33.00 13.31 -61.54
CA TYR A 22 34.09 14.02 -62.19
C TYR A 22 34.31 13.44 -63.60
N TYR A 23 34.85 14.27 -64.48
CA TYR A 23 35.08 13.82 -65.87
C TYR A 23 36.32 12.93 -65.91
N CYS A 30 32.19 10.42 -67.35
CA CYS A 30 32.00 10.83 -65.97
C CYS A 30 31.97 9.62 -65.05
N HIS A 31 32.64 9.73 -63.90
CA HIS A 31 32.69 8.68 -62.92
C HIS A 31 32.49 9.27 -61.52
N SER A 32 31.93 8.47 -60.64
CA SER A 32 31.72 8.92 -59.28
C SER A 32 33.01 8.84 -58.49
N PHE A 33 33.06 9.65 -57.43
CA PHE A 33 34.16 9.61 -56.47
C PHE A 33 33.67 10.21 -55.16
N THR A 34 34.51 10.09 -54.15
CA THR A 34 34.23 10.57 -52.82
C THR A 34 34.99 11.87 -52.60
N TYR A 35 34.25 12.94 -52.34
CA TYR A 35 34.84 14.25 -52.13
C TYR A 35 34.96 14.49 -50.63
N GLY A 36 36.16 14.89 -50.20
CA GLY A 36 36.37 15.17 -48.79
C GLY A 36 35.51 16.30 -48.29
N GLY A 37 35.08 17.19 -49.17
CA GLY A 37 34.30 18.34 -48.80
C GLY A 37 35.06 19.64 -48.81
N CYS A 38 36.37 19.62 -49.11
CA CYS A 38 37.17 20.84 -49.04
C CYS A 38 38.32 20.74 -50.03
N ALA A 39 38.82 21.92 -50.40
CA ALA A 39 40.06 22.06 -51.18
C ALA A 39 40.02 21.23 -52.46
N GLY A 40 38.92 21.32 -53.19
CA GLY A 40 38.78 20.68 -54.47
C GLY A 40 39.11 21.60 -55.62
N ASN A 41 38.51 21.34 -56.78
CA ASN A 41 38.64 22.22 -57.93
C ASN A 41 37.37 22.12 -58.75
N ALA A 42 37.37 22.80 -59.90
CA ALA A 42 36.14 22.99 -60.66
C ALA A 42 35.59 21.67 -61.20
N ASN A 43 36.46 20.68 -61.41
CA ASN A 43 36.03 19.39 -61.96
C ASN A 43 35.41 18.53 -60.86
N ARG A 44 34.21 18.93 -60.45
CA ARG A 44 33.49 18.22 -59.39
C ARG A 44 32.00 18.51 -59.54
N PHE A 45 31.20 17.46 -59.50
CA PHE A 45 29.76 17.58 -59.74
C PHE A 45 28.98 16.89 -58.63
N SER A 46 27.81 17.45 -58.31
CA SER A 46 26.94 16.84 -57.31
C SER A 46 26.03 15.78 -57.89
N THR A 47 25.88 15.74 -59.21
CA THR A 47 25.01 14.77 -59.86
C THR A 47 25.71 14.25 -61.11
N ILE A 48 25.67 12.93 -61.30
CA ILE A 48 26.33 12.32 -62.45
C ILE A 48 25.75 12.87 -63.75
N GLU A 49 24.45 13.15 -63.76
CA GLU A 49 23.82 13.71 -64.95
C GLU A 49 24.35 15.11 -65.24
N LYS A 50 24.58 15.92 -64.21
CA LYS A 50 25.16 17.24 -64.45
C LYS A 50 26.57 17.11 -65.01
N CYS A 51 27.36 16.17 -64.48
CA CYS A 51 28.71 15.95 -65.03
C CYS A 51 28.65 15.57 -66.50
N ARG A 52 27.79 14.61 -66.83
CA ARG A 52 27.72 14.11 -68.19
C ARG A 52 27.20 15.19 -69.14
N ARG A 53 26.25 16.01 -68.70
CA ARG A 53 25.79 17.10 -69.53
C ARG A 53 26.90 18.14 -69.73
N THR A 54 27.68 18.42 -68.69
CA THR A 54 28.70 19.45 -68.79
C THR A 54 29.87 19.01 -69.66
N CYS A 55 30.36 17.78 -69.46
CA CYS A 55 31.68 17.40 -69.96
C CYS A 55 31.66 16.35 -71.06
N VAL A 56 30.71 15.41 -71.05
CA VAL A 56 30.75 14.31 -71.99
C VAL A 56 29.70 14.44 -73.10
N GLU B 4 7.53 -27.31 20.03
CA GLU B 4 6.35 -26.59 19.57
C GLU B 4 6.08 -25.36 20.43
N VAL B 5 5.89 -24.22 19.79
CA VAL B 5 5.67 -22.95 20.47
C VAL B 5 4.19 -22.82 20.80
N GLN B 6 3.88 -22.55 22.06
CA GLN B 6 2.49 -22.36 22.46
C GLN B 6 2.42 -21.64 23.79
N LEU B 7 1.32 -20.91 23.99
CA LEU B 7 0.99 -20.30 25.26
C LEU B 7 -0.32 -20.87 25.76
N VAL B 8 -0.36 -21.29 27.02
CA VAL B 8 -1.54 -21.94 27.60
C VAL B 8 -1.96 -21.11 28.80
N GLU B 9 -3.13 -20.50 28.72
CA GLU B 9 -3.67 -19.66 29.78
C GLU B 9 -4.66 -20.46 30.62
N SER B 10 -4.67 -20.18 31.92
CA SER B 10 -5.54 -20.91 32.84
C SER B 10 -5.73 -20.06 34.09
N GLY B 11 -6.66 -20.51 34.93
CA GLY B 11 -6.95 -19.81 36.16
C GLY B 11 -8.11 -18.85 36.10
N GLY B 12 -8.90 -18.88 35.05
CA GLY B 12 -10.04 -18.00 34.92
C GLY B 12 -11.25 -18.58 35.61
N GLY B 13 -12.42 -18.06 35.23
CA GLY B 13 -13.65 -18.47 35.86
C GLY B 13 -14.38 -17.30 36.49
N LEU B 14 -15.30 -17.63 37.38
CA LEU B 14 -16.19 -16.67 38.00
C LEU B 14 -15.61 -16.23 39.34
N VAL B 15 -15.48 -14.91 39.52
CA VAL B 15 -15.09 -14.33 40.79
C VAL B 15 -16.03 -13.18 41.09
N GLN B 16 -16.02 -12.76 42.35
CA GLN B 16 -16.85 -11.68 42.84
C GLN B 16 -16.23 -10.35 42.48
N PRO B 17 -16.97 -9.25 42.61
CA PRO B 17 -16.34 -7.93 42.43
C PRO B 17 -15.46 -7.53 43.60
N GLY B 18 -14.51 -8.39 43.95
CA GLY B 18 -13.52 -8.11 44.98
C GLY B 18 -12.14 -8.55 44.55
N GLY B 19 -12.08 -9.18 43.37
CA GLY B 19 -10.78 -9.50 42.78
C GLY B 19 -10.09 -10.66 43.47
N SER B 20 -8.77 -10.51 43.64
CA SER B 20 -7.89 -11.57 44.13
C SER B 20 -7.93 -12.80 43.23
N LEU B 21 -7.93 -12.58 41.92
CA LEU B 21 -7.92 -13.66 40.93
C LEU B 21 -6.56 -13.70 40.24
N ARG B 22 -5.96 -14.88 40.15
CA ARG B 22 -4.65 -15.04 39.54
C ARG B 22 -4.75 -15.92 38.30
N LEU B 23 -4.30 -15.38 37.17
CA LEU B 23 -4.22 -16.10 35.91
C LEU B 23 -2.79 -16.52 35.63
N SER B 24 -2.64 -17.71 35.07
CA SER B 24 -1.34 -18.31 34.80
C SER B 24 -1.21 -18.61 33.32
N CYS B 25 -0.12 -18.12 32.72
CA CYS B 25 0.21 -18.36 31.32
C CYS B 25 1.48 -19.18 31.28
N ALA B 26 1.36 -20.44 30.92
CA ALA B 26 2.52 -21.31 30.72
C ALA B 26 2.98 -21.18 29.28
N ALA B 27 4.29 -21.29 29.09
CA ALA B 27 4.90 -21.17 27.78
C ALA B 27 5.58 -22.47 27.39
N SER B 28 5.60 -22.76 26.09
CA SER B 28 6.33 -23.90 25.56
C SER B 28 6.95 -23.50 24.24
N GLY B 29 8.10 -24.09 23.93
CA GLY B 29 8.84 -23.76 22.73
C GLY B 29 9.73 -22.55 22.91
N PHE B 30 9.14 -21.39 23.13
CA PHE B 30 9.87 -20.17 23.42
C PHE B 30 9.84 -19.92 24.92
N ASN B 31 11.01 -19.78 25.53
CA ASN B 31 11.06 -19.56 26.96
C ASN B 31 10.70 -18.11 27.29
N VAL B 32 10.09 -17.92 28.46
CA VAL B 32 9.70 -16.58 28.89
C VAL B 32 10.92 -15.69 29.07
N VAL B 33 12.12 -16.28 29.16
CA VAL B 33 13.34 -15.50 29.25
C VAL B 33 13.64 -14.83 27.92
N ASP B 34 13.41 -15.53 26.81
CA ASP B 34 13.75 -15.01 25.50
C ASP B 34 12.75 -14.00 24.97
N PHE B 35 11.50 -14.05 25.42
CA PHE B 35 10.46 -13.15 24.94
C PHE B 35 9.76 -12.46 26.09
N SER B 36 9.46 -11.17 25.92
CA SER B 36 8.57 -10.51 26.85
C SER B 36 7.15 -11.00 26.66
N LEU B 37 6.39 -11.01 27.75
CA LEU B 37 5.05 -11.58 27.75
C LEU B 37 4.03 -10.48 28.04
N HIS B 38 2.95 -10.47 27.26
CA HIS B 38 1.91 -9.47 27.38
C HIS B 38 0.58 -10.16 27.66
N TRP B 39 -0.23 -9.51 28.48
CA TRP B 39 -1.62 -9.87 28.66
C TRP B 39 -2.46 -8.82 27.94
N VAL B 40 -3.39 -9.30 27.10
CA VAL B 40 -4.28 -8.47 26.31
C VAL B 40 -5.71 -8.91 26.59
N ARG B 41 -6.60 -7.93 26.77
CA ARG B 41 -7.96 -8.14 27.22
C ARG B 41 -8.94 -7.85 26.09
N GLN B 42 -9.99 -8.66 25.99
CA GLN B 42 -11.04 -8.44 25.00
C GLN B 42 -12.38 -8.69 25.67
N ALA B 43 -13.17 -7.64 25.84
CA ALA B 43 -14.51 -7.81 26.37
C ALA B 43 -15.39 -8.50 25.33
N PRO B 44 -16.38 -9.26 25.76
CA PRO B 44 -17.31 -9.87 24.80
C PRO B 44 -18.02 -8.82 23.97
N GLY B 45 -17.96 -8.97 22.65
CA GLY B 45 -18.51 -7.99 21.74
C GLY B 45 -17.64 -6.78 21.51
N LYS B 46 -16.45 -6.74 22.12
CA LYS B 46 -15.54 -5.61 22.02
C LYS B 46 -14.24 -6.05 21.35
N GLY B 47 -13.38 -5.06 21.09
CA GLY B 47 -12.12 -5.29 20.43
C GLY B 47 -11.00 -5.63 21.39
N LEU B 48 -9.78 -5.58 20.87
CA LEU B 48 -8.58 -5.92 21.63
C LEU B 48 -8.06 -4.70 22.37
N GLU B 49 -7.69 -4.90 23.64
CA GLU B 49 -7.14 -3.86 24.49
C GLU B 49 -5.92 -4.41 25.21
N TRP B 50 -4.78 -3.75 25.04
CA TRP B 50 -3.57 -4.16 25.74
C TRP B 50 -3.72 -3.88 27.23
N VAL B 51 -3.28 -4.84 28.06
CA VAL B 51 -3.37 -4.73 29.50
C VAL B 51 -1.99 -4.51 30.12
N ALA B 52 -1.07 -5.44 29.94
CA ALA B 52 0.20 -5.27 30.63
C ALA B 52 1.26 -6.20 30.04
N TYR B 53 2.51 -5.97 30.45
CA TYR B 53 3.62 -6.79 29.97
C TYR B 53 4.70 -6.91 31.03
N ILE B 54 5.49 -7.97 30.93
CA ILE B 54 6.65 -8.21 31.78
C ILE B 54 7.81 -8.72 30.95
N SER B 55 9.01 -8.23 31.25
CA SER B 55 10.27 -8.82 30.80
C SER B 55 10.82 -9.65 31.95
N SER B 56 10.60 -10.96 31.88
CA SER B 56 10.93 -11.83 33.01
C SER B 56 12.42 -11.89 33.29
N SER B 57 13.27 -11.55 32.32
CA SER B 57 14.70 -11.76 32.47
C SER B 57 15.52 -10.48 32.49
N SER B 58 15.03 -9.37 31.96
CA SER B 58 15.91 -8.23 31.77
C SER B 58 15.29 -6.88 32.09
N GLY B 59 14.08 -6.82 32.63
CA GLY B 59 13.49 -5.51 32.84
C GLY B 59 12.25 -5.52 33.70
N SER B 60 11.51 -4.41 33.61
CA SER B 60 10.39 -4.12 34.47
C SER B 60 9.08 -4.63 33.90
N THR B 61 8.02 -4.37 34.65
CA THR B 61 6.65 -4.68 34.28
C THR B 61 5.92 -3.36 34.04
N SER B 62 5.09 -3.33 33.00
CA SER B 62 4.31 -2.14 32.67
C SER B 62 2.84 -2.49 32.56
N TYR B 63 1.98 -1.54 32.97
CA TYR B 63 0.54 -1.76 33.00
C TYR B 63 -0.18 -0.62 32.27
N ALA B 64 -1.35 -0.94 31.73
CA ALA B 64 -2.20 0.08 31.13
C ALA B 64 -2.77 0.98 32.22
N ASP B 65 -3.09 2.22 31.83
CA ASP B 65 -3.70 3.15 32.76
C ASP B 65 -5.01 2.62 33.34
N SER B 66 -5.70 1.75 32.58
CA SER B 66 -6.96 1.20 33.04
C SER B 66 -6.79 0.23 34.20
N VAL B 67 -5.59 -0.34 34.38
CA VAL B 67 -5.36 -1.34 35.42
C VAL B 67 -4.25 -0.95 36.38
N LYS B 68 -3.61 0.22 36.19
CA LYS B 68 -2.56 0.65 37.09
C LYS B 68 -3.09 0.77 38.52
N GLY B 69 -2.33 0.22 39.47
CA GLY B 69 -2.73 0.19 40.85
C GLY B 69 -3.51 -1.03 41.26
N ARG B 70 -3.92 -1.87 40.31
CA ARG B 70 -4.73 -3.05 40.63
C ARG B 70 -4.12 -4.35 40.15
N PHE B 71 -3.56 -4.38 38.94
CA PHE B 71 -3.00 -5.60 38.38
C PHE B 71 -1.50 -5.67 38.65
N THR B 72 -1.02 -6.88 38.87
CA THR B 72 0.41 -7.11 39.07
C THR B 72 0.84 -8.30 38.23
N ILE B 73 1.89 -8.13 37.45
CA ILE B 73 2.41 -9.20 36.59
C ILE B 73 3.72 -9.68 37.17
N SER B 74 3.86 -10.99 37.29
CA SER B 74 5.09 -11.60 37.74
C SER B 74 5.40 -12.76 36.82
N ALA B 75 6.54 -13.40 37.04
CA ALA B 75 6.93 -14.52 36.20
C ALA B 75 7.85 -15.42 37.00
N ASP B 76 7.97 -16.65 36.52
CA ASP B 76 8.87 -17.64 37.12
C ASP B 76 9.64 -18.28 35.99
N THR B 77 10.94 -17.99 35.92
CA THR B 77 11.79 -18.49 34.85
C THR B 77 12.19 -19.95 35.05
N SER B 78 11.98 -20.52 36.24
CA SER B 78 12.22 -21.94 36.46
C SER B 78 10.99 -22.79 36.19
N LYS B 79 9.79 -22.24 36.39
CA LYS B 79 8.58 -22.89 35.93
C LYS B 79 8.22 -22.49 34.50
N ASN B 80 8.95 -21.52 33.94
CA ASN B 80 8.71 -21.02 32.58
C ASN B 80 7.27 -20.53 32.42
N THR B 81 6.80 -19.77 33.41
CA THR B 81 5.42 -19.33 33.45
C THR B 81 5.35 -17.84 33.77
N ALA B 82 4.19 -17.26 33.53
CA ALA B 82 3.91 -15.89 33.94
C ALA B 82 2.57 -15.86 34.64
N TYR B 83 2.40 -14.88 35.52
CA TYR B 83 1.16 -14.74 36.27
C TYR B 83 0.68 -13.30 36.20
N LEU B 84 -0.63 -13.14 36.11
CA LEU B 84 -1.28 -11.85 36.27
C LEU B 84 -2.24 -11.95 37.43
N GLN B 85 -2.01 -11.16 38.46
CA GLN B 85 -2.87 -11.11 39.63
C GLN B 85 -3.71 -9.85 39.58
N MET B 86 -5.02 -10.00 39.66
CA MET B 86 -5.97 -8.90 39.56
C MET B 86 -6.70 -8.79 40.88
N ASN B 87 -6.62 -7.61 41.48
CA ASN B 87 -7.30 -7.28 42.72
C ASN B 87 -8.28 -6.15 42.47
N SER B 88 -9.31 -6.08 43.32
CA SER B 88 -10.38 -5.09 43.21
C SER B 88 -11.03 -5.14 41.84
N LEU B 89 -11.27 -6.36 41.36
CA LEU B 89 -11.87 -6.56 40.05
C LEU B 89 -13.28 -5.99 40.01
N ARG B 90 -13.62 -5.39 38.88
CA ARG B 90 -14.95 -4.87 38.64
C ARG B 90 -15.65 -5.71 37.58
N ALA B 91 -16.96 -5.51 37.45
CA ALA B 91 -17.70 -6.12 36.35
C ALA B 91 -17.15 -5.67 35.01
N GLU B 92 -16.58 -4.46 34.94
CA GLU B 92 -15.98 -3.95 33.70
C GLU B 92 -14.80 -4.79 33.24
N ASP B 93 -14.16 -5.53 34.14
CA ASP B 93 -13.02 -6.35 33.77
C ASP B 93 -13.40 -7.73 33.27
N THR B 94 -14.70 -8.06 33.28
CA THR B 94 -15.14 -9.32 32.71
C THR B 94 -14.79 -9.37 31.23
N ALA B 95 -13.96 -10.34 30.85
CA ALA B 95 -13.45 -10.37 29.49
C ALA B 95 -12.64 -11.65 29.30
N VAL B 96 -12.25 -11.89 28.05
CA VAL B 96 -11.34 -12.97 27.71
C VAL B 96 -9.92 -12.40 27.68
N TYR B 97 -9.01 -13.07 28.37
CA TYR B 97 -7.63 -12.64 28.49
C TYR B 97 -6.72 -13.56 27.68
N TYR B 98 -5.78 -12.94 26.97
CA TYR B 98 -4.85 -13.64 26.11
C TYR B 98 -3.43 -13.33 26.55
N CYS B 99 -2.58 -14.34 26.52
CA CYS B 99 -1.16 -14.21 26.77
C CYS B 99 -0.43 -14.27 25.45
N ALA B 100 0.45 -13.31 25.18
CA ALA B 100 1.10 -13.18 23.89
C ALA B 100 2.59 -12.96 24.08
N ARG B 101 3.37 -13.43 23.10
CA ARG B 101 4.81 -13.25 23.07
C ARG B 101 5.16 -11.96 22.34
N TRP B 102 6.35 -11.44 22.63
CA TRP B 102 6.94 -10.40 21.82
C TRP B 102 8.45 -10.42 22.05
N GLY B 103 9.21 -10.49 20.97
CA GLY B 103 10.65 -10.65 21.07
C GLY B 103 11.34 -9.38 21.49
N TYR B 104 12.66 -9.47 21.58
CA TYR B 104 13.49 -8.36 22.03
C TYR B 104 14.26 -7.75 20.87
N TRP B 105 14.46 -6.44 20.95
CA TRP B 105 15.29 -5.74 19.99
C TRP B 105 16.74 -6.20 20.13
N PRO B 106 17.50 -6.28 19.01
CA PRO B 106 17.15 -6.08 17.59
C PRO B 106 16.78 -7.36 16.84
N GLY B 107 16.42 -7.24 15.56
CA GLY B 107 16.18 -8.37 14.70
C GLY B 107 14.71 -8.56 14.38
N GLU B 108 14.44 -9.60 13.60
CA GLU B 108 13.06 -9.98 13.30
C GLU B 108 12.21 -10.26 14.53
N PRO B 109 12.71 -10.90 15.59
CA PRO B 109 11.83 -11.18 16.75
C PRO B 109 11.12 -9.97 17.30
N TRP B 110 11.69 -8.77 17.17
CA TRP B 110 10.93 -7.61 17.62
C TRP B 110 9.86 -7.21 16.62
N TRP B 111 10.12 -7.36 15.32
CA TRP B 111 9.15 -6.92 14.33
C TRP B 111 7.92 -7.82 14.30
N LYS B 112 8.09 -9.12 14.55
CA LYS B 112 6.97 -10.06 14.56
C LYS B 112 6.22 -9.96 15.90
N ALA B 113 5.53 -8.83 16.07
CA ALA B 113 4.80 -8.60 17.30
C ALA B 113 3.64 -9.56 17.44
N PHE B 114 3.52 -10.16 18.63
CA PHE B 114 2.39 -11.04 18.96
C PHE B 114 2.25 -12.18 17.96
N ASP B 115 3.37 -12.84 17.65
CA ASP B 115 3.31 -13.97 16.72
C ASP B 115 2.38 -15.07 17.25
N TYR B 116 2.44 -15.35 18.54
CA TYR B 116 1.60 -16.35 19.17
C TYR B 116 0.73 -15.69 20.23
N TRP B 117 -0.58 -15.95 20.17
CA TRP B 117 -1.51 -15.47 21.19
C TRP B 117 -1.98 -16.58 22.13
N GLY B 118 -1.57 -17.82 21.91
CA GLY B 118 -2.11 -18.91 22.71
C GLY B 118 -3.61 -19.03 22.53
N GLN B 119 -4.33 -19.08 23.66
CA GLN B 119 -5.78 -19.19 23.66
C GLN B 119 -6.35 -18.17 24.65
N GLY B 120 -7.66 -17.96 24.58
CA GLY B 120 -8.31 -17.07 25.51
C GLY B 120 -8.75 -17.80 26.78
N THR B 121 -8.71 -17.08 27.90
CA THR B 121 -9.26 -17.56 29.17
C THR B 121 -10.28 -16.55 29.67
N LEU B 122 -11.49 -17.01 29.98
CA LEU B 122 -12.59 -16.12 30.32
C LEU B 122 -12.57 -15.81 31.81
N VAL B 123 -12.60 -14.53 32.16
CA VAL B 123 -12.75 -14.07 33.53
C VAL B 123 -14.09 -13.37 33.63
N THR B 124 -14.95 -13.85 34.52
CA THR B 124 -16.27 -13.30 34.75
C THR B 124 -16.31 -12.70 36.14
N VAL B 125 -16.75 -11.46 36.24
CA VAL B 125 -16.83 -10.74 37.50
C VAL B 125 -18.27 -10.32 37.71
N SER B 126 -18.96 -10.97 38.64
CA SER B 126 -20.35 -10.64 38.91
C SER B 126 -20.75 -11.23 40.26
N SER B 127 -21.61 -10.50 40.96
CA SER B 127 -22.13 -10.95 42.25
C SER B 127 -23.29 -11.92 42.12
N ALA B 128 -23.81 -12.13 40.92
CA ALA B 128 -24.97 -12.99 40.74
C ALA B 128 -24.65 -14.43 41.09
N SER B 129 -25.60 -15.10 41.74
CA SER B 129 -25.43 -16.49 42.14
C SER B 129 -25.96 -17.45 41.07
N THR B 130 -25.49 -18.69 41.13
CA THR B 130 -25.88 -19.70 40.17
C THR B 130 -27.37 -20.00 40.30
N LYS B 131 -28.08 -19.98 39.17
CA LYS B 131 -29.53 -20.03 39.17
C LYS B 131 -30.03 -20.68 37.90
N GLY B 132 -31.04 -21.54 38.03
CA GLY B 132 -31.66 -22.16 36.89
C GLY B 132 -32.65 -21.24 36.20
N PRO B 133 -32.77 -21.38 34.89
CA PRO B 133 -33.70 -20.54 34.12
C PRO B 133 -35.13 -21.03 34.20
N SER B 134 -36.03 -20.09 33.92
CA SER B 134 -37.45 -20.41 33.73
C SER B 134 -37.79 -20.26 32.26
N VAL B 135 -38.61 -21.18 31.75
CA VAL B 135 -38.89 -21.30 30.33
C VAL B 135 -40.32 -20.90 30.07
N PHE B 136 -40.52 -19.99 29.13
CA PHE B 136 -41.83 -19.43 28.81
C PHE B 136 -42.02 -19.44 27.30
N PRO B 137 -42.62 -20.50 26.76
CA PRO B 137 -42.97 -20.48 25.34
C PRO B 137 -43.91 -19.33 25.03
N LEU B 138 -43.69 -18.71 23.89
CA LEU B 138 -44.50 -17.58 23.43
C LEU B 138 -45.25 -18.06 22.19
N ALA B 139 -46.41 -18.65 22.42
CA ALA B 139 -47.18 -19.21 21.32
C ALA B 139 -47.68 -18.12 20.39
N PRO B 140 -47.71 -18.36 19.08
CA PRO B 140 -48.20 -17.34 18.16
C PRO B 140 -49.68 -17.09 18.32
N SER B 141 -50.08 -15.84 18.08
CA SER B 141 -51.49 -15.50 18.15
C SER B 141 -52.19 -15.93 16.87
N SER B 142 -53.53 -15.81 16.87
CA SER B 142 -54.31 -16.14 15.68
C SER B 142 -53.97 -15.23 14.51
N LYS B 143 -53.34 -14.08 14.77
CA LYS B 143 -52.96 -13.13 13.73
C LYS B 143 -51.45 -12.96 13.60
N SER B 144 -50.65 -13.80 14.27
CA SER B 144 -49.19 -13.71 14.20
C SER B 144 -48.71 -14.47 12.96
N THR B 145 -48.94 -13.86 11.80
CA THR B 145 -48.59 -14.34 10.46
C THR B 145 -49.30 -15.64 10.09
N SER B 146 -50.37 -15.99 10.79
CA SER B 146 -51.12 -17.20 10.48
C SER B 146 -51.60 -17.18 9.03
N GLY B 147 -51.54 -18.33 8.37
CA GLY B 147 -51.89 -18.49 6.98
C GLY B 147 -50.71 -18.79 6.07
N GLY B 148 -49.50 -18.42 6.47
CA GLY B 148 -48.32 -18.71 5.69
C GLY B 148 -47.38 -19.67 6.40
N THR B 149 -46.24 -19.15 6.84
CA THR B 149 -45.35 -19.85 7.75
C THR B 149 -45.20 -19.01 9.01
N ALA B 150 -45.19 -19.65 10.17
CA ALA B 150 -45.21 -18.93 11.43
C ALA B 150 -44.12 -19.43 12.37
N ALA B 151 -43.56 -18.51 13.14
CA ALA B 151 -42.56 -18.85 14.14
C ALA B 151 -43.22 -19.35 15.42
N LEU B 152 -42.48 -20.17 16.17
CA LEU B 152 -43.02 -20.78 17.38
C LEU B 152 -42.85 -19.88 18.60
N GLY B 153 -41.62 -19.49 18.91
CA GLY B 153 -41.34 -18.66 20.09
C GLY B 153 -41.02 -19.43 21.36
N CYS B 154 -40.01 -18.97 22.11
CA CYS B 154 -39.64 -19.59 23.38
C CYS B 154 -38.66 -18.70 24.15
N LEU B 155 -38.89 -18.55 25.45
CA LEU B 155 -38.06 -17.69 26.29
C LEU B 155 -37.32 -18.51 27.33
N VAL B 156 -36.03 -18.23 27.49
CA VAL B 156 -35.21 -18.71 28.58
C VAL B 156 -34.80 -17.49 29.38
N LYS B 157 -35.19 -17.44 30.65
CA LYS B 157 -35.04 -16.21 31.42
C LYS B 157 -34.36 -16.47 32.75
N ASP B 158 -33.46 -15.53 33.14
CA ASP B 158 -32.90 -15.45 34.48
C ASP B 158 -32.11 -16.70 34.85
N TYR B 159 -31.00 -16.91 34.15
CA TYR B 159 -30.08 -17.99 34.49
C TYR B 159 -28.66 -17.45 34.65
N PHE B 160 -27.84 -18.18 35.39
CA PHE B 160 -26.44 -17.77 35.58
C PHE B 160 -25.60 -18.95 36.04
N PRO B 161 -24.41 -19.16 35.44
CA PRO B 161 -23.82 -18.42 34.31
C PRO B 161 -24.50 -18.77 32.98
N GLU B 162 -23.85 -18.60 31.83
CA GLU B 162 -24.59 -18.75 30.59
C GLU B 162 -24.07 -19.82 29.64
N PRO B 163 -23.79 -21.05 30.09
CA PRO B 163 -23.73 -22.15 29.09
C PRO B 163 -25.07 -22.88 28.95
N VAL B 164 -26.03 -22.23 28.30
CA VAL B 164 -27.39 -22.76 28.16
C VAL B 164 -27.56 -23.35 26.77
N THR B 165 -28.10 -24.56 26.70
CA THR B 165 -28.36 -25.25 25.45
C THR B 165 -29.86 -25.36 25.22
N VAL B 166 -30.33 -24.88 24.06
CA VAL B 166 -31.74 -24.84 23.73
C VAL B 166 -31.97 -25.61 22.43
N SER B 167 -32.97 -26.48 22.43
CA SER B 167 -33.35 -27.25 21.24
C SER B 167 -34.85 -27.35 21.18
N TRP B 168 -35.36 -27.86 20.05
CA TRP B 168 -36.77 -28.09 19.86
C TRP B 168 -37.05 -29.55 19.53
N ASN B 169 -38.10 -30.09 20.14
CA ASN B 169 -38.52 -31.48 19.91
C ASN B 169 -37.36 -32.45 20.07
N SER B 170 -36.55 -32.23 21.12
CA SER B 170 -35.38 -33.05 21.42
C SER B 170 -34.40 -33.09 20.25
N GLY B 171 -34.30 -31.99 19.51
CA GLY B 171 -33.40 -31.89 18.39
C GLY B 171 -33.98 -32.26 17.04
N ALA B 172 -35.19 -32.81 17.01
CA ALA B 172 -35.77 -33.25 15.75
C ALA B 172 -36.06 -32.09 14.81
N LEU B 173 -36.32 -30.90 15.37
CA LEU B 173 -36.70 -29.73 14.58
C LEU B 173 -35.45 -28.92 14.28
N THR B 174 -34.91 -29.08 13.07
CA THR B 174 -33.76 -28.32 12.62
C THR B 174 -34.09 -27.27 11.57
N SER B 175 -35.32 -27.24 11.07
CA SER B 175 -35.70 -26.32 10.02
C SER B 175 -35.95 -24.93 10.60
N GLY B 176 -35.18 -23.94 10.14
CA GLY B 176 -35.43 -22.57 10.54
C GLY B 176 -35.05 -22.25 11.97
N VAL B 177 -34.12 -22.99 12.56
CA VAL B 177 -33.75 -22.75 13.95
C VAL B 177 -32.90 -21.50 14.04
N HIS B 178 -33.29 -20.59 14.94
CA HIS B 178 -32.55 -19.37 15.24
C HIS B 178 -32.54 -19.22 16.77
N THR B 179 -31.44 -19.63 17.39
CA THR B 179 -31.24 -19.46 18.82
C THR B 179 -30.38 -18.23 19.04
N PHE B 180 -30.86 -17.32 19.79
CA PHE B 180 -30.14 -16.06 19.84
C PHE B 180 -29.08 -16.06 20.94
N PRO B 181 -27.99 -15.34 20.73
CA PRO B 181 -26.97 -15.23 21.77
C PRO B 181 -27.54 -14.63 23.04
N ALA B 182 -27.09 -15.14 24.18
CA ALA B 182 -27.60 -14.68 25.47
C ALA B 182 -27.23 -13.23 25.71
N VAL B 183 -28.08 -12.53 26.46
CA VAL B 183 -27.84 -11.15 26.83
C VAL B 183 -27.86 -11.03 28.35
N LEU B 184 -27.10 -10.07 28.86
CA LEU B 184 -27.02 -9.83 30.29
C LEU B 184 -28.06 -8.81 30.71
N GLN B 185 -28.74 -9.10 31.82
CA GLN B 185 -29.79 -8.23 32.36
C GLN B 185 -29.19 -7.33 33.44
N SER B 186 -29.96 -6.29 33.79
CA SER B 186 -29.56 -5.41 34.89
C SER B 186 -29.48 -6.15 36.21
N SER B 187 -30.15 -7.30 36.32
CA SER B 187 -30.07 -8.13 37.52
C SER B 187 -28.80 -8.97 37.58
N GLY B 188 -28.01 -8.99 36.51
CA GLY B 188 -26.83 -9.82 36.45
C GLY B 188 -27.06 -11.21 35.92
N LEU B 189 -28.31 -11.59 35.70
CA LEU B 189 -28.63 -12.87 35.10
C LEU B 189 -28.78 -12.72 33.59
N TYR B 190 -28.74 -13.85 32.91
CA TYR B 190 -28.85 -13.90 31.46
C TYR B 190 -30.23 -14.36 31.04
N SER B 191 -30.65 -13.88 29.87
CA SER B 191 -31.88 -14.27 29.22
C SER B 191 -31.60 -14.53 27.74
N LEU B 192 -32.40 -15.40 27.14
CA LEU B 192 -32.15 -15.85 25.78
C LEU B 192 -33.48 -16.24 25.15
N SER B 193 -33.64 -15.91 23.87
CA SER B 193 -34.80 -16.30 23.10
C SER B 193 -34.39 -17.27 21.99
N SER B 194 -35.30 -18.17 21.63
CA SER B 194 -35.03 -19.17 20.61
C SER B 194 -36.29 -19.40 19.80
N VAL B 195 -36.15 -19.41 18.47
CA VAL B 195 -37.31 -19.54 17.59
C VAL B 195 -37.03 -20.54 16.49
N VAL B 196 -38.10 -21.16 15.98
CA VAL B 196 -38.08 -21.91 14.74
C VAL B 196 -39.34 -21.56 13.97
N THR B 197 -39.35 -21.90 12.68
CA THR B 197 -40.48 -21.62 11.82
C THR B 197 -41.10 -22.91 11.32
N VAL B 198 -42.43 -22.95 11.31
CA VAL B 198 -43.17 -24.13 10.90
C VAL B 198 -44.35 -23.69 10.04
N PRO B 199 -44.85 -24.60 9.20
CA PRO B 199 -46.05 -24.27 8.41
C PRO B 199 -47.24 -23.96 9.28
N SER B 200 -48.10 -23.08 8.77
CA SER B 200 -49.23 -22.52 9.50
C SER B 200 -50.40 -23.50 9.56
N SER B 201 -51.61 -22.98 9.82
CA SER B 201 -52.78 -23.78 10.16
C SER B 201 -52.59 -24.47 11.51
N SER B 202 -52.53 -23.65 12.57
CA SER B 202 -52.30 -24.11 13.94
C SER B 202 -50.91 -24.75 14.07
N LEU B 203 -49.92 -24.12 13.45
CA LEU B 203 -48.53 -24.57 13.49
C LEU B 203 -48.41 -26.01 13.00
N GLY B 204 -49.14 -26.33 11.93
CA GLY B 204 -49.14 -27.69 11.44
C GLY B 204 -49.89 -28.67 12.32
N THR B 205 -50.83 -28.17 13.13
CA THR B 205 -51.61 -28.94 14.12
C THR B 205 -50.73 -29.62 15.18
N GLN B 206 -49.43 -29.36 15.16
CA GLN B 206 -48.50 -30.04 16.07
C GLN B 206 -48.24 -29.17 17.30
N THR B 207 -48.17 -29.83 18.45
CA THR B 207 -47.72 -29.20 19.68
C THR B 207 -46.21 -29.37 19.79
N TYR B 208 -45.51 -28.28 20.08
CA TYR B 208 -44.06 -28.27 19.98
C TYR B 208 -43.42 -28.17 21.36
N ILE B 209 -42.18 -28.67 21.47
CA ILE B 209 -41.46 -28.72 22.74
C ILE B 209 -40.21 -27.85 22.63
N CYS B 210 -40.06 -26.92 23.57
CA CYS B 210 -38.84 -26.15 23.73
C CYS B 210 -38.07 -26.75 24.91
N ASN B 211 -36.90 -27.31 24.63
CA ASN B 211 -36.09 -28.01 25.63
C ASN B 211 -34.88 -27.16 25.98
N VAL B 212 -34.75 -26.80 27.25
CA VAL B 212 -33.68 -25.92 27.72
C VAL B 212 -32.89 -26.64 28.80
N ASN B 213 -31.57 -26.59 28.69
CA ASN B 213 -30.65 -27.24 29.63
C ASN B 213 -29.64 -26.22 30.12
N HIS B 214 -29.58 -26.04 31.44
CA HIS B 214 -28.56 -25.23 32.10
C HIS B 214 -27.72 -26.17 32.94
N LYS B 215 -26.51 -26.45 32.46
CA LYS B 215 -25.59 -27.36 33.16
C LYS B 215 -25.22 -26.90 34.57
N PRO B 216 -24.87 -25.63 34.82
CA PRO B 216 -24.41 -25.25 36.17
C PRO B 216 -25.42 -25.50 37.28
N SER B 217 -26.71 -25.52 36.98
CA SER B 217 -27.72 -25.81 37.99
C SER B 217 -28.43 -27.14 37.75
N ASN B 218 -27.98 -27.92 36.77
CA ASN B 218 -28.60 -29.20 36.41
C ASN B 218 -30.09 -29.02 36.15
N THR B 219 -30.42 -27.98 35.37
CA THR B 219 -31.81 -27.64 35.08
C THR B 219 -32.16 -28.10 33.68
N LYS B 220 -33.26 -28.85 33.56
CA LYS B 220 -33.77 -29.30 32.27
C LYS B 220 -35.27 -29.06 32.24
N VAL B 221 -35.71 -28.19 31.33
CA VAL B 221 -37.11 -27.76 31.28
C VAL B 221 -37.62 -27.93 29.86
N ASP B 222 -38.70 -28.70 29.71
CA ASP B 222 -39.35 -28.94 28.43
C ASP B 222 -40.73 -28.29 28.49
N LYS B 223 -40.94 -27.26 27.69
CA LYS B 223 -42.18 -26.50 27.77
C LYS B 223 -42.90 -26.50 26.44
N LYS B 224 -44.24 -26.51 26.50
CA LYS B 224 -45.06 -26.73 25.33
C LYS B 224 -45.44 -25.42 24.64
N VAL B 225 -45.44 -25.48 23.31
CA VAL B 225 -45.94 -24.40 22.46
C VAL B 225 -47.18 -24.94 21.77
N GLU B 226 -48.31 -24.25 21.98
CA GLU B 226 -49.62 -24.60 21.44
C GLU B 226 -50.27 -23.31 20.96
N PRO B 227 -50.79 -23.27 19.74
CA PRO B 227 -51.25 -22.00 19.17
C PRO B 227 -52.34 -21.35 20.00
N LYS B 228 -52.32 -20.01 20.02
CA LYS B 228 -53.37 -19.24 20.68
C LYS B 228 -54.23 -18.53 19.64
N GLN C 7 -38.94 18.30 2.51
CA GLN C 7 -38.14 19.41 2.01
C GLN C 7 -37.28 18.98 0.83
N VAL C 8 -36.58 17.85 1.00
CA VAL C 8 -35.71 17.34 -0.06
C VAL C 8 -36.57 16.84 -1.20
N GLN C 9 -36.24 17.27 -2.41
CA GLN C 9 -36.95 16.82 -3.61
C GLN C 9 -36.11 15.82 -4.38
N LEU C 10 -36.78 14.93 -5.10
CA LEU C 10 -36.13 13.97 -5.97
C LEU C 10 -36.68 14.12 -7.38
N GLN C 11 -35.80 14.39 -8.33
CA GLN C 11 -36.12 14.33 -9.74
C GLN C 11 -35.70 12.97 -10.27
N GLU C 12 -36.42 12.46 -11.25
CA GLU C 12 -36.08 11.15 -11.79
C GLU C 12 -36.62 11.05 -13.21
N SER C 13 -35.84 10.41 -14.08
CA SER C 13 -36.21 10.26 -15.48
C SER C 13 -35.67 8.94 -15.99
N GLY C 14 -36.56 8.16 -16.59
CA GLY C 14 -36.19 6.97 -17.33
C GLY C 14 -36.52 7.19 -18.79
N GLY C 15 -36.76 6.10 -19.52
CA GLY C 15 -37.12 6.24 -20.91
C GLY C 15 -38.58 5.94 -21.18
N GLY C 16 -38.86 5.39 -22.36
CA GLY C 16 -40.19 4.96 -22.71
C GLY C 16 -40.27 3.48 -23.02
N LEU C 17 -40.79 3.13 -24.18
CA LEU C 17 -40.93 1.74 -24.57
C LEU C 17 -39.62 1.23 -25.18
N VAL C 18 -39.14 0.09 -24.65
CA VAL C 18 -37.96 -0.55 -25.21
C VAL C 18 -38.26 -2.02 -25.45
N GLN C 19 -37.48 -2.63 -26.34
CA GLN C 19 -37.58 -4.05 -26.61
C GLN C 19 -36.78 -4.84 -25.57
N PRO C 20 -37.12 -6.11 -25.36
CA PRO C 20 -36.24 -6.96 -24.56
C PRO C 20 -34.87 -7.01 -25.21
N GLY C 21 -33.86 -6.63 -24.44
CA GLY C 21 -32.55 -6.44 -25.05
C GLY C 21 -31.58 -5.75 -24.11
N GLY C 22 -30.61 -5.08 -24.74
CA GLY C 22 -29.35 -4.79 -24.08
C GLY C 22 -29.41 -3.77 -22.95
N SER C 23 -30.21 -2.71 -23.10
CA SER C 23 -29.91 -1.59 -22.22
C SER C 23 -31.10 -0.65 -22.09
N LEU C 24 -31.20 -0.04 -20.90
CA LEU C 24 -31.95 1.19 -20.65
C LEU C 24 -31.43 1.76 -19.34
N ARG C 25 -31.11 3.05 -19.32
CA ARG C 25 -30.59 3.68 -18.11
C ARG C 25 -31.62 4.64 -17.54
N LEU C 26 -31.81 4.56 -16.22
CA LEU C 26 -32.67 5.47 -15.47
C LEU C 26 -31.80 6.32 -14.55
N SER C 27 -32.24 7.54 -14.28
CA SER C 27 -31.45 8.45 -13.48
C SER C 27 -32.35 9.18 -12.49
N CYS C 28 -31.76 9.58 -11.37
CA CYS C 28 -32.47 10.41 -10.41
C CYS C 28 -31.47 11.29 -9.69
N ALA C 29 -31.97 12.39 -9.13
CA ALA C 29 -31.12 13.40 -8.53
C ALA C 29 -31.83 14.04 -7.35
N ALA C 30 -31.03 14.40 -6.35
CA ALA C 30 -31.52 15.04 -5.14
C ALA C 30 -31.42 16.56 -5.26
N SER C 31 -32.38 17.25 -4.64
CA SER C 31 -32.38 18.71 -4.62
C SER C 31 -32.71 19.17 -3.22
N GLY C 32 -31.82 19.98 -2.65
CA GLY C 32 -31.94 20.45 -1.29
C GLY C 32 -31.08 19.72 -0.28
N ARG C 33 -30.53 18.56 -0.64
CA ARG C 33 -29.70 17.78 0.26
C ARG C 33 -28.66 17.02 -0.54
N THR C 34 -27.41 17.06 -0.08
CA THR C 34 -26.37 16.25 -0.69
C THR C 34 -26.50 14.80 -0.24
N ILE C 35 -26.15 13.88 -1.13
CA ILE C 35 -26.36 12.46 -0.90
C ILE C 35 -25.05 11.70 -0.83
N SER C 36 -23.93 12.39 -0.59
CA SER C 36 -22.66 11.69 -0.40
C SER C 36 -22.66 10.91 0.91
N ARG C 37 -23.45 11.35 1.90
CA ARG C 37 -23.47 10.74 3.21
C ARG C 37 -24.74 9.93 3.47
N TYR C 38 -25.55 9.71 2.44
CA TYR C 38 -26.76 8.89 2.55
C TYR C 38 -26.76 7.83 1.47
N ALA C 39 -27.40 6.71 1.76
CA ALA C 39 -27.66 5.70 0.75
C ALA C 39 -28.94 6.02 -0.01
N MET C 40 -28.99 5.59 -1.27
CA MET C 40 -30.19 5.78 -2.07
C MET C 40 -30.59 4.45 -2.70
N SER C 41 -31.89 4.22 -2.80
CA SER C 41 -32.42 2.96 -3.27
C SER C 41 -33.37 3.14 -4.45
N TRP C 42 -33.39 2.13 -5.31
CA TRP C 42 -34.32 1.98 -6.41
C TRP C 42 -35.37 0.94 -6.06
N PHE C 43 -36.63 1.27 -6.30
CA PHE C 43 -37.78 0.43 -6.05
C PHE C 43 -38.63 0.34 -7.32
N ARG C 44 -39.34 -0.77 -7.46
CA ARG C 44 -40.07 -1.10 -8.68
C ARG C 44 -41.49 -1.48 -8.31
N GLN C 45 -42.47 -0.82 -8.92
CA GLN C 45 -43.88 -1.11 -8.66
C GLN C 45 -44.55 -1.45 -9.98
N ALA C 46 -44.84 -2.74 -10.17
CA ALA C 46 -45.58 -3.19 -11.32
C ALA C 46 -47.06 -2.83 -11.15
N PRO C 47 -47.80 -2.67 -12.26
CA PRO C 47 -49.24 -2.46 -12.14
C PRO C 47 -49.92 -3.62 -11.42
N GLY C 48 -50.75 -3.29 -10.46
CA GLY C 48 -51.41 -4.30 -9.64
C GLY C 48 -50.59 -4.86 -8.51
N LYS C 49 -49.36 -4.39 -8.31
CA LYS C 49 -48.49 -4.88 -7.26
C LYS C 49 -48.05 -3.74 -6.34
N GLU C 50 -47.45 -4.12 -5.22
CA GLU C 50 -46.83 -3.17 -4.30
C GLU C 50 -45.37 -2.96 -4.67
N ARG C 51 -44.78 -1.91 -4.11
CA ARG C 51 -43.40 -1.57 -4.43
C ARG C 51 -42.45 -2.66 -3.96
N GLU C 52 -41.60 -3.13 -4.85
CA GLU C 52 -40.57 -4.10 -4.56
C GLU C 52 -39.22 -3.41 -4.48
N PHE C 53 -38.34 -3.94 -3.65
CA PHE C 53 -36.98 -3.43 -3.61
C PHE C 53 -36.21 -3.86 -4.85
N VAL C 54 -35.42 -2.93 -5.41
CA VAL C 54 -34.54 -3.22 -6.54
C VAL C 54 -33.08 -3.14 -6.12
N ALA C 55 -32.64 -1.99 -5.63
CA ALA C 55 -31.22 -1.85 -5.36
C ALA C 55 -30.97 -0.72 -4.37
N VAL C 56 -29.82 -0.79 -3.71
CA VAL C 56 -29.39 0.25 -2.77
C VAL C 56 -27.91 0.51 -3.00
N ALA C 57 -27.55 1.79 -3.07
CA ALA C 57 -26.15 2.22 -3.13
C ALA C 57 -25.84 3.02 -1.87
N ARG C 58 -24.78 2.64 -1.18
CA ARG C 58 -24.39 3.26 0.07
C ARG C 58 -23.22 4.22 -0.14
N ARG C 59 -22.73 4.79 0.96
CA ARG C 59 -21.87 5.98 0.92
C ARG C 59 -20.54 5.79 0.21
N SER C 60 -19.66 4.96 0.75
CA SER C 60 -18.30 4.87 0.22
C SER C 60 -17.67 3.56 0.69
N GLY C 61 -17.32 2.70 -0.24
CA GLY C 61 -16.68 1.44 0.08
C GLY C 61 -17.61 0.38 0.62
N ASP C 62 -18.88 0.72 0.86
CA ASP C 62 -19.89 -0.23 1.30
C ASP C 62 -20.48 -1.02 0.14
N GLY C 63 -20.23 -0.58 -1.09
CA GLY C 63 -20.74 -1.25 -2.27
C GLY C 63 -22.23 -0.98 -2.47
N ALA C 64 -22.85 -1.85 -3.26
CA ALA C 64 -24.27 -1.72 -3.56
C ALA C 64 -24.88 -3.10 -3.56
N PHE C 65 -26.17 -3.17 -3.26
CA PHE C 65 -26.87 -4.43 -3.10
C PHE C 65 -28.10 -4.45 -4.00
N TYR C 66 -28.43 -5.63 -4.49
CA TYR C 66 -29.49 -5.80 -5.48
C TYR C 66 -30.45 -6.91 -5.08
N ALA C 67 -31.72 -6.75 -5.46
CA ALA C 67 -32.73 -7.76 -5.23
C ALA C 67 -32.47 -8.98 -6.10
N ASP C 68 -33.11 -10.10 -5.74
CA ASP C 68 -32.95 -11.33 -6.50
C ASP C 68 -33.31 -11.14 -7.97
N SER C 69 -34.33 -10.31 -8.25
CA SER C 69 -34.81 -10.16 -9.62
C SER C 69 -33.85 -9.38 -10.50
N VAL C 70 -33.01 -8.53 -9.94
CA VAL C 70 -32.18 -7.63 -10.71
C VAL C 70 -30.71 -7.85 -10.44
N GLN C 71 -30.39 -8.73 -9.50
CA GLN C 71 -29.01 -9.04 -9.19
C GLN C 71 -28.31 -9.61 -10.42
N GLY C 72 -27.14 -9.05 -10.73
CA GLY C 72 -26.39 -9.49 -11.87
C GLY C 72 -26.88 -8.98 -13.20
N ARG C 73 -27.96 -8.21 -13.21
CA ARG C 73 -28.57 -7.68 -14.43
C ARG C 73 -28.60 -6.16 -14.43
N PHE C 74 -28.97 -5.55 -13.31
CA PHE C 74 -29.00 -4.11 -13.16
C PHE C 74 -27.82 -3.69 -12.28
N THR C 75 -27.26 -2.52 -12.56
CA THR C 75 -26.20 -1.96 -11.73
C THR C 75 -26.57 -0.55 -11.31
N VAL C 76 -26.08 -0.14 -10.14
CA VAL C 76 -26.38 1.16 -9.58
C VAL C 76 -25.08 1.90 -9.32
N SER C 77 -25.04 3.18 -9.70
CA SER C 77 -23.88 4.02 -9.48
C SER C 77 -24.35 5.37 -8.95
N ARG C 78 -23.42 6.11 -8.38
CA ARG C 78 -23.75 7.43 -7.85
C ARG C 78 -22.63 8.42 -8.15
N ASP C 79 -23.03 9.61 -8.57
CA ASP C 79 -22.13 10.74 -8.79
C ASP C 79 -22.51 11.79 -7.75
N ASP C 80 -21.71 11.88 -6.69
CA ASP C 80 -21.97 12.85 -5.64
C ASP C 80 -21.84 14.29 -6.13
N ALA C 81 -20.99 14.52 -7.13
CA ALA C 81 -20.79 15.87 -7.64
C ALA C 81 -22.08 16.44 -8.21
N LYS C 82 -22.94 15.60 -8.77
CA LYS C 82 -24.24 16.03 -9.26
C LYS C 82 -25.38 15.50 -8.42
N ASN C 83 -25.08 14.85 -7.28
CA ASN C 83 -26.08 14.24 -6.42
C ASN C 83 -27.02 13.35 -7.21
N THR C 84 -26.45 12.50 -8.05
CA THR C 84 -27.22 11.71 -9.00
C THR C 84 -27.00 10.22 -8.74
N VAL C 85 -28.06 9.43 -8.83
CA VAL C 85 -27.98 7.99 -8.80
C VAL C 85 -28.47 7.44 -10.14
N TYR C 86 -27.70 6.51 -10.71
CA TYR C 86 -28.00 5.91 -11.99
C TYR C 86 -28.27 4.42 -11.82
N LEU C 87 -29.26 3.94 -12.54
CA LEU C 87 -29.57 2.51 -12.63
C LEU C 87 -29.44 2.10 -14.09
N GLN C 88 -28.49 1.21 -14.36
CA GLN C 88 -28.26 0.67 -15.68
C GLN C 88 -28.93 -0.70 -15.75
N MET C 89 -29.96 -0.82 -16.57
CA MET C 89 -30.75 -2.04 -16.69
C MET C 89 -30.37 -2.72 -17.99
N ASN C 90 -29.90 -3.96 -17.89
CA ASN C 90 -29.57 -4.78 -19.04
C ASN C 90 -30.54 -5.94 -19.15
N SER C 91 -30.57 -6.55 -20.33
CA SER C 91 -31.31 -7.79 -20.56
C SER C 91 -32.76 -7.66 -20.09
N LEU C 92 -33.38 -6.54 -20.45
CA LEU C 92 -34.72 -6.26 -19.98
C LEU C 92 -35.70 -7.30 -20.51
N LYS C 93 -36.68 -7.61 -19.68
CA LYS C 93 -37.76 -8.53 -20.01
C LYS C 93 -39.08 -7.81 -19.85
N PRO C 94 -40.14 -8.28 -20.52
CA PRO C 94 -41.46 -7.67 -20.31
C PRO C 94 -41.89 -7.69 -18.86
N GLU C 95 -41.44 -8.66 -18.08
CA GLU C 95 -41.79 -8.75 -16.67
C GLU C 95 -41.33 -7.54 -15.86
N ASP C 96 -40.36 -6.78 -16.38
CA ASP C 96 -39.82 -5.64 -15.64
C ASP C 96 -40.62 -4.36 -15.84
N THR C 97 -41.70 -4.42 -16.64
CA THR C 97 -42.50 -3.22 -16.87
C THR C 97 -43.11 -2.73 -15.57
N ALA C 98 -42.80 -1.49 -15.20
CA ALA C 98 -43.20 -0.98 -13.89
C ALA C 98 -42.79 0.49 -13.77
N VAL C 99 -43.28 1.13 -12.71
CA VAL C 99 -42.84 2.47 -12.37
C VAL C 99 -41.69 2.35 -11.38
N TYR C 100 -40.58 3.05 -11.67
CA TYR C 100 -39.37 2.98 -10.86
C TYR C 100 -39.22 4.24 -10.02
N TYR C 101 -38.77 4.07 -8.78
CA TYR C 101 -38.70 5.13 -7.78
C TYR C 101 -37.33 5.15 -7.13
N CYS C 102 -36.78 6.34 -6.91
CA CYS C 102 -35.63 6.49 -6.03
C CYS C 102 -36.08 6.98 -4.66
N ALA C 103 -35.32 6.60 -3.64
CA ALA C 103 -35.65 6.95 -2.27
C ALA C 103 -34.36 7.13 -1.47
N ILE C 104 -34.40 8.06 -0.52
CA ILE C 104 -33.22 8.45 0.26
C ILE C 104 -33.32 7.82 1.63
N ASP C 105 -32.30 7.06 2.02
CA ASP C 105 -32.24 6.47 3.35
C ASP C 105 -31.65 7.50 4.30
N SER C 106 -32.47 8.00 5.22
CA SER C 106 -32.02 9.06 6.12
C SER C 106 -31.13 8.56 7.25
N ASP C 107 -30.97 7.25 7.42
CA ASP C 107 -30.11 6.70 8.45
C ASP C 107 -28.74 6.39 7.84
N THR C 108 -27.70 7.03 8.37
CA THR C 108 -26.34 6.75 7.93
C THR C 108 -25.87 5.35 8.32
N PHE C 109 -26.63 4.66 9.18
CA PHE C 109 -26.32 3.29 9.56
C PHE C 109 -27.10 2.27 8.76
N TYR C 110 -27.82 2.70 7.71
CA TYR C 110 -28.41 1.80 6.72
C TYR C 110 -29.53 0.95 7.31
N SER C 111 -30.32 1.53 8.21
CA SER C 111 -31.49 0.83 8.71
C SER C 111 -32.68 0.91 7.75
N GLY C 112 -32.59 1.74 6.72
CA GLY C 112 -33.62 1.80 5.70
C GLY C 112 -34.80 2.69 5.99
N SER C 113 -34.57 3.83 6.63
CA SER C 113 -35.64 4.78 6.94
C SER C 113 -35.81 5.71 5.76
N TYR C 114 -36.75 5.37 4.88
CA TYR C 114 -36.96 6.10 3.63
C TYR C 114 -38.00 7.19 3.86
N ASP C 115 -37.54 8.44 3.93
CA ASP C 115 -38.42 9.57 4.15
C ASP C 115 -38.81 10.29 2.87
N TYR C 116 -37.98 10.24 1.83
CA TYR C 116 -38.22 10.95 0.58
C TYR C 116 -38.30 9.97 -0.58
N TRP C 117 -39.36 10.09 -1.39
CA TRP C 117 -39.56 9.27 -2.57
C TRP C 117 -39.64 10.07 -3.86
N GLY C 118 -40.21 11.27 -3.83
CA GLY C 118 -40.38 12.03 -5.06
C GLY C 118 -41.37 11.35 -5.99
N GLN C 119 -40.97 11.24 -7.26
CA GLN C 119 -41.84 10.70 -8.30
C GLN C 119 -41.06 9.69 -9.12
N GLY C 120 -41.68 8.55 -9.40
CA GLY C 120 -41.07 7.55 -10.24
C GLY C 120 -41.21 7.88 -11.72
N THR C 121 -40.71 6.94 -12.54
CA THR C 121 -40.73 7.06 -13.99
C THR C 121 -41.15 5.72 -14.58
N GLN C 122 -41.94 5.77 -15.64
CA GLN C 122 -42.51 4.56 -16.24
C GLN C 122 -41.47 3.87 -17.12
N VAL C 123 -41.35 2.55 -16.97
CA VAL C 123 -40.48 1.74 -17.82
C VAL C 123 -41.33 0.62 -18.40
N THR C 124 -41.40 0.55 -19.72
CA THR C 124 -42.18 -0.44 -20.43
C THR C 124 -41.26 -1.25 -21.31
N VAL C 125 -41.42 -2.57 -21.28
CA VAL C 125 -40.70 -3.48 -22.16
C VAL C 125 -41.73 -4.25 -22.98
N SER C 126 -41.65 -4.12 -24.30
CA SER C 126 -42.66 -4.68 -25.19
C SER C 126 -42.63 -6.20 -25.16
N ASP D 1 -0.14 6.42 23.82
CA ASP D 1 0.21 7.68 23.18
C ASP D 1 -0.22 7.68 21.72
N ILE D 2 -0.11 6.51 21.08
CA ILE D 2 -0.35 6.37 19.65
C ILE D 2 -1.66 5.63 19.46
N GLN D 3 -2.61 6.27 18.79
CA GLN D 3 -3.93 5.71 18.56
C GLN D 3 -4.06 5.22 17.12
N MET D 4 -4.63 4.02 16.96
CA MET D 4 -4.93 3.49 15.64
C MET D 4 -6.42 3.66 15.36
N THR D 5 -6.74 4.14 14.17
CA THR D 5 -8.13 4.40 13.78
C THR D 5 -8.44 3.63 12.52
N GLN D 6 -9.58 2.95 12.51
CA GLN D 6 -10.10 2.29 11.31
C GLN D 6 -11.47 2.85 10.95
N SER D 7 -11.65 3.16 9.68
CA SER D 7 -12.92 3.61 9.10
C SER D 7 -13.85 2.48 8.67
N PRO D 8 -13.37 1.46 7.91
CA PRO D 8 -14.33 0.48 7.35
C PRO D 8 -14.73 -0.62 8.34
N SER D 9 -15.51 -0.23 9.34
CA SER D 9 -15.91 -1.17 10.39
C SER D 9 -16.71 -2.35 9.84
N SER D 10 -17.40 -2.17 8.72
CA SER D 10 -18.24 -3.22 8.14
C SER D 10 -18.00 -3.26 6.65
N LEU D 11 -17.50 -4.39 6.14
CA LEU D 11 -17.15 -4.55 4.74
C LEU D 11 -17.91 -5.73 4.17
N SER D 12 -18.77 -5.47 3.19
CA SER D 12 -19.58 -6.49 2.53
C SER D 12 -19.00 -6.81 1.17
N ALA D 13 -18.61 -8.07 0.97
CA ALA D 13 -18.02 -8.49 -0.29
C ALA D 13 -18.27 -9.98 -0.49
N SER D 14 -18.26 -10.41 -1.74
CA SER D 14 -18.52 -11.79 -2.09
C SER D 14 -17.21 -12.53 -2.37
N VAL D 15 -17.31 -13.85 -2.47
CA VAL D 15 -16.13 -14.67 -2.70
C VAL D 15 -15.52 -14.30 -4.04
N GLY D 16 -14.22 -14.02 -4.02
CA GLY D 16 -13.48 -13.61 -5.20
C GLY D 16 -13.20 -12.13 -5.29
N ASP D 17 -13.95 -11.30 -4.57
CA ASP D 17 -13.69 -9.86 -4.60
C ASP D 17 -12.38 -9.54 -3.89
N ARG D 18 -11.70 -8.50 -4.40
CA ARG D 18 -10.53 -7.96 -3.74
C ARG D 18 -10.96 -6.90 -2.74
N VAL D 19 -10.55 -7.06 -1.48
CA VAL D 19 -11.05 -6.20 -0.43
C VAL D 19 -9.87 -5.46 0.21
N THR D 20 -10.16 -4.26 0.71
CA THR D 20 -9.15 -3.36 1.26
C THR D 20 -9.64 -2.74 2.55
N ILE D 21 -8.80 -2.78 3.58
CA ILE D 21 -9.05 -2.17 4.88
C ILE D 21 -7.92 -1.19 5.16
N THR D 22 -8.25 -0.02 5.69
CA THR D 22 -7.26 0.99 6.00
C THR D 22 -7.16 1.17 7.51
N CYS D 23 -6.05 1.77 7.94
CA CYS D 23 -5.84 2.08 9.35
C CYS D 23 -4.84 3.21 9.46
N ARG D 24 -5.16 4.22 10.23
CA ARG D 24 -4.32 5.40 10.38
C ARG D 24 -3.76 5.48 11.79
N ALA D 25 -2.45 5.69 11.89
CA ALA D 25 -1.78 5.94 13.16
C ALA D 25 -1.77 7.45 13.43
N SER D 26 -1.97 7.81 14.69
CA SER D 26 -2.09 9.21 15.07
C SER D 26 -0.76 9.94 15.14
N GLN D 27 0.36 9.23 15.13
CA GLN D 27 1.67 9.83 15.24
C GLN D 27 2.52 9.46 14.04
N SER D 28 3.63 10.20 13.87
CA SER D 28 4.60 9.92 12.82
C SER D 28 5.42 8.69 13.19
N VAL D 29 4.78 7.53 13.17
CA VAL D 29 5.39 6.29 13.60
C VAL D 29 6.10 5.63 12.42
N SER D 30 6.96 4.67 12.73
CA SER D 30 7.65 3.88 11.72
C SER D 30 6.70 2.78 11.22
N SER D 31 7.25 1.81 10.49
CA SER D 31 6.45 0.73 9.94
C SER D 31 6.01 -0.29 10.98
N ALA D 32 6.06 0.07 12.27
CA ALA D 32 5.62 -0.83 13.34
C ALA D 32 4.10 -0.86 13.45
N VAL D 33 3.44 -1.40 12.42
CA VAL D 33 2.00 -1.65 12.45
C VAL D 33 1.75 -3.07 12.00
N ALA D 34 0.81 -3.74 12.65
CA ALA D 34 0.53 -5.14 12.38
C ALA D 34 -0.96 -5.34 12.15
N TRP D 35 -1.27 -6.38 11.38
CA TRP D 35 -2.63 -6.78 11.07
C TRP D 35 -2.87 -8.21 11.54
N TYR D 36 -3.96 -8.41 12.27
CA TYR D 36 -4.35 -9.72 12.79
C TYR D 36 -5.76 -10.07 12.33
N GLN D 37 -5.98 -11.36 12.14
CA GLN D 37 -7.30 -11.91 11.81
C GLN D 37 -7.82 -12.74 12.97
N GLN D 38 -9.05 -12.48 13.38
CA GLN D 38 -9.69 -13.20 14.47
C GLN D 38 -11.07 -13.67 14.05
N LYS D 39 -11.37 -14.92 14.39
CA LYS D 39 -12.67 -15.53 14.25
C LYS D 39 -13.34 -15.62 15.62
N PRO D 40 -14.67 -15.58 15.68
CA PRO D 40 -15.33 -15.62 16.99
C PRO D 40 -14.96 -16.87 17.78
N GLY D 41 -14.63 -16.66 19.05
CA GLY D 41 -14.23 -17.75 19.91
C GLY D 41 -12.78 -18.16 19.82
N LYS D 42 -11.99 -17.52 18.98
CA LYS D 42 -10.58 -17.87 18.82
C LYS D 42 -9.70 -16.64 19.00
N ALA D 43 -8.45 -16.89 19.39
CA ALA D 43 -7.48 -15.82 19.58
C ALA D 43 -7.05 -15.26 18.22
N PRO D 44 -6.71 -13.97 18.17
CA PRO D 44 -6.27 -13.38 16.90
C PRO D 44 -5.00 -14.05 16.40
N LYS D 45 -4.85 -14.07 15.08
CA LYS D 45 -3.71 -14.69 14.40
C LYS D 45 -3.01 -13.65 13.55
N LEU D 46 -1.68 -13.61 13.64
CA LEU D 46 -0.90 -12.59 12.94
C LEU D 46 -0.96 -12.81 11.43
N LEU D 47 -1.32 -11.77 10.71
CA LEU D 47 -1.26 -11.75 9.25
C LEU D 47 -0.08 -10.93 8.75
N ILE D 48 0.00 -9.66 9.16
CA ILE D 48 0.98 -8.73 8.61
C ILE D 48 1.80 -8.13 9.75
N TYR D 49 3.12 -8.15 9.59
CA TYR D 49 4.01 -7.39 10.47
C TYR D 49 4.94 -6.54 9.61
N SER D 50 5.60 -5.58 10.25
CA SER D 50 6.39 -4.56 9.58
C SER D 50 5.55 -3.76 8.58
N ALA D 51 4.23 -3.84 8.74
CA ALA D 51 3.24 -3.13 7.94
C ALA D 51 3.26 -3.48 6.45
N SER D 52 4.17 -4.36 6.04
CA SER D 52 4.21 -4.77 4.64
C SER D 52 4.55 -6.24 4.49
N SER D 53 5.02 -6.89 5.54
CA SER D 53 5.57 -8.23 5.45
C SER D 53 4.51 -9.26 5.81
N LEU D 54 4.45 -10.32 5.01
CA LEU D 54 3.47 -11.38 5.20
C LEU D 54 4.01 -12.39 6.21
N TYR D 55 3.26 -12.61 7.30
CA TYR D 55 3.67 -13.56 8.31
C TYR D 55 3.72 -14.97 7.73
N SER D 56 4.70 -15.75 8.18
CA SER D 56 4.86 -17.12 7.70
C SER D 56 3.60 -17.94 7.98
N GLY D 57 3.16 -18.68 6.97
CA GLY D 57 1.95 -19.48 7.08
C GLY D 57 0.69 -18.79 6.64
N VAL D 58 0.73 -17.49 6.37
CA VAL D 58 -0.45 -16.74 5.95
C VAL D 58 -0.61 -16.93 4.45
N PRO D 59 -1.82 -17.15 3.95
CA PRO D 59 -2.02 -17.26 2.49
C PRO D 59 -1.53 -16.00 1.77
N SER D 60 -0.92 -16.22 0.61
CA SER D 60 -0.27 -15.13 -0.12
C SER D 60 -1.23 -14.05 -0.59
N ARG D 61 -2.54 -14.32 -0.59
CA ARG D 61 -3.49 -13.33 -1.08
C ARG D 61 -3.58 -12.09 -0.19
N PHE D 62 -3.04 -12.15 1.02
CA PHE D 62 -3.00 -10.98 1.90
C PHE D 62 -1.77 -10.14 1.58
N SER D 63 -1.94 -8.83 1.62
CA SER D 63 -0.83 -7.93 1.32
C SER D 63 -1.00 -6.64 2.09
N GLY D 64 0.08 -6.18 2.72
CA GLY D 64 0.08 -4.93 3.44
C GLY D 64 0.83 -3.84 2.69
N SER D 65 0.63 -2.61 3.16
CA SER D 65 1.16 -1.45 2.48
C SER D 65 1.24 -0.29 3.46
N ARG D 66 2.28 0.53 3.31
CA ARG D 66 2.54 1.65 4.19
C ARG D 66 2.75 2.90 3.36
N SER D 67 2.05 3.98 3.74
CA SER D 67 2.25 5.29 3.14
C SER D 67 2.20 6.31 4.28
N GLY D 68 3.37 6.66 4.81
CA GLY D 68 3.40 7.52 5.98
C GLY D 68 2.70 6.86 7.15
N THR D 69 1.71 7.57 7.69
CA THR D 69 0.93 7.10 8.83
C THR D 69 -0.30 6.30 8.43
N ASP D 70 -0.51 6.07 7.13
CA ASP D 70 -1.65 5.28 6.66
C ASP D 70 -1.16 3.90 6.25
N PHE D 71 -1.83 2.86 6.72
CA PHE D 71 -1.48 1.48 6.44
C PHE D 71 -2.70 0.77 5.86
N THR D 72 -2.45 -0.19 4.98
CA THR D 72 -3.51 -0.83 4.21
C THR D 72 -3.31 -2.34 4.20
N LEU D 73 -4.41 -3.07 4.41
CA LEU D 73 -4.45 -4.51 4.26
C LEU D 73 -5.35 -4.86 3.10
N THR D 74 -4.88 -5.71 2.19
CA THR D 74 -5.66 -6.09 1.03
C THR D 74 -5.72 -7.61 0.94
N ILE D 75 -6.84 -8.09 0.40
CA ILE D 75 -7.00 -9.49 0.03
C ILE D 75 -7.28 -9.53 -1.46
N SER D 76 -6.41 -10.21 -2.21
CA SER D 76 -6.47 -10.20 -3.67
C SER D 76 -7.77 -10.83 -4.16
N SER D 77 -8.18 -11.92 -3.54
CA SER D 77 -9.38 -12.62 -3.96
C SER D 77 -9.97 -13.27 -2.72
N LEU D 78 -11.11 -12.75 -2.26
CA LEU D 78 -11.69 -13.16 -1.00
C LEU D 78 -12.07 -14.63 -1.02
N GLN D 79 -11.68 -15.35 0.00
CA GLN D 79 -12.15 -16.72 0.19
C GLN D 79 -13.23 -16.75 1.26
N PRO D 80 -14.07 -17.80 1.28
CA PRO D 80 -15.03 -17.93 2.38
C PRO D 80 -14.36 -18.01 3.73
N GLU D 81 -13.10 -18.47 3.79
CA GLU D 81 -12.37 -18.52 5.06
C GLU D 81 -12.01 -17.13 5.58
N ASP D 82 -12.08 -16.12 4.73
CA ASP D 82 -11.62 -14.78 5.09
C ASP D 82 -12.72 -13.88 5.63
N PHE D 83 -13.92 -14.41 5.86
CA PHE D 83 -14.99 -13.62 6.45
C PHE D 83 -14.82 -13.65 7.96
N ALA D 84 -14.00 -12.74 8.46
CA ALA D 84 -13.65 -12.68 9.87
C ALA D 84 -13.42 -11.23 10.27
N THR D 85 -13.00 -11.04 11.51
CA THR D 85 -12.66 -9.71 12.01
C THR D 85 -11.16 -9.46 11.84
N TYR D 86 -10.81 -8.23 11.51
CA TYR D 86 -9.43 -7.83 11.29
C TYR D 86 -9.09 -6.62 12.14
N TYR D 87 -7.89 -6.62 12.71
CA TYR D 87 -7.43 -5.55 13.58
C TYR D 87 -6.06 -5.06 13.15
N CYS D 88 -5.82 -3.76 13.32
CA CYS D 88 -4.51 -3.16 13.18
C CYS D 88 -3.99 -2.71 14.53
N GLN D 89 -2.68 -2.74 14.70
CA GLN D 89 -2.08 -2.33 15.95
C GLN D 89 -0.78 -1.59 15.69
N GLN D 90 -0.48 -0.66 16.60
CA GLN D 90 0.81 0.01 16.66
C GLN D 90 1.65 -0.67 17.74
N TYR D 91 2.83 -1.15 17.35
CA TYR D 91 3.69 -1.80 18.33
C TYR D 91 5.05 -1.13 18.41
N LEU D 92 5.05 0.20 18.55
CA LEU D 92 6.30 0.95 18.62
C LEU D 92 7.14 0.55 19.82
N TYR D 93 6.50 0.32 20.97
CA TYR D 93 7.20 -0.12 22.17
C TYR D 93 6.23 -0.87 23.06
N TYR D 94 6.80 -1.69 23.96
CA TYR D 94 6.01 -2.61 24.78
C TYR D 94 4.91 -1.89 25.54
N SER D 95 5.19 -0.70 26.05
CA SER D 95 4.23 0.05 26.83
C SER D 95 3.29 0.90 25.98
N LEU D 96 3.48 0.92 24.66
CA LEU D 96 2.72 1.78 23.77
C LEU D 96 1.74 1.02 22.89
N VAL D 97 1.52 -0.27 23.16
CA VAL D 97 0.69 -1.08 22.28
C VAL D 97 -0.73 -0.57 22.30
N THR D 98 -1.28 -0.33 21.10
CA THR D 98 -2.67 0.11 20.95
C THR D 98 -3.26 -0.55 19.71
N PHE D 99 -4.51 -0.95 19.80
CA PHE D 99 -5.23 -1.58 18.69
C PHE D 99 -6.25 -0.63 18.10
N GLY D 100 -6.68 -0.95 16.88
CA GLY D 100 -7.80 -0.27 16.27
C GLY D 100 -9.13 -0.82 16.75
N GLN D 101 -10.20 -0.32 16.13
CA GLN D 101 -11.54 -0.72 16.53
C GLN D 101 -11.98 -2.04 15.90
N GLY D 102 -11.30 -2.49 14.86
CA GLY D 102 -11.68 -3.74 14.23
C GLY D 102 -12.62 -3.54 13.07
N THR D 103 -12.47 -4.40 12.06
CA THR D 103 -13.33 -4.43 10.90
C THR D 103 -13.78 -5.86 10.67
N LYS D 104 -15.00 -6.03 10.19
CA LYS D 104 -15.55 -7.36 9.95
C LYS D 104 -15.94 -7.50 8.49
N VAL D 105 -15.45 -8.56 7.86
CA VAL D 105 -15.79 -8.88 6.48
C VAL D 105 -16.93 -9.87 6.47
N GLU D 106 -18.04 -9.49 5.84
CA GLU D 106 -19.24 -10.30 5.80
C GLU D 106 -19.62 -10.57 4.35
N ILE D 107 -20.42 -11.60 4.15
CA ILE D 107 -20.75 -12.08 2.80
C ILE D 107 -21.74 -11.12 2.16
N LYS D 108 -21.40 -10.65 0.97
CA LYS D 108 -22.30 -9.83 0.17
C LYS D 108 -23.35 -10.71 -0.47
N ARG D 109 -24.62 -10.34 -0.29
CA ARG D 109 -25.73 -11.10 -0.82
C ARG D 109 -26.77 -10.17 -1.40
N THR D 110 -27.83 -10.75 -1.97
CA THR D 110 -28.99 -9.98 -2.38
C THR D 110 -29.67 -9.39 -1.17
N VAL D 111 -30.73 -8.63 -1.39
CA VAL D 111 -31.53 -8.05 -0.32
C VAL D 111 -32.85 -8.79 -0.23
N ALA D 112 -33.21 -9.26 0.96
CA ALA D 112 -34.50 -9.89 1.18
C ALA D 112 -35.01 -9.50 2.55
N ALA D 113 -36.22 -8.96 2.58
CA ALA D 113 -36.80 -8.49 3.82
C ALA D 113 -37.09 -9.67 4.77
N PRO D 114 -36.90 -9.48 6.06
CA PRO D 114 -37.14 -10.57 7.00
C PRO D 114 -38.61 -10.73 7.33
N SER D 115 -38.98 -11.97 7.67
CA SER D 115 -40.31 -12.23 8.19
C SER D 115 -40.41 -11.70 9.61
N VAL D 116 -41.56 -11.10 9.93
CA VAL D 116 -41.73 -10.35 11.16
C VAL D 116 -42.82 -11.02 12.00
N PHE D 117 -42.49 -11.29 13.26
CA PHE D 117 -43.41 -11.92 14.19
C PHE D 117 -43.42 -11.17 15.50
N ILE D 118 -44.55 -11.21 16.20
CA ILE D 118 -44.68 -10.63 17.53
C ILE D 118 -45.28 -11.69 18.44
N PHE D 119 -44.73 -11.82 19.65
CA PHE D 119 -45.18 -12.81 20.60
C PHE D 119 -45.52 -12.15 21.93
N PRO D 120 -46.69 -12.43 22.47
CA PRO D 120 -47.04 -11.95 23.81
C PRO D 120 -46.37 -12.81 24.88
N PRO D 121 -46.29 -12.32 26.11
CA PRO D 121 -45.76 -13.16 27.19
C PRO D 121 -46.69 -14.30 27.51
N SER D 122 -46.11 -15.41 27.95
CA SER D 122 -46.92 -16.56 28.33
C SER D 122 -47.56 -16.33 29.69
N ASP D 123 -48.59 -17.12 29.97
CA ASP D 123 -49.29 -17.00 31.25
C ASP D 123 -48.37 -17.34 32.41
N GLU D 124 -47.49 -18.33 32.23
CA GLU D 124 -46.55 -18.70 33.28
C GLU D 124 -45.64 -17.55 33.65
N GLN D 125 -45.08 -16.86 32.65
CA GLN D 125 -44.20 -15.74 32.93
C GLN D 125 -44.96 -14.61 33.60
N LEU D 126 -46.21 -14.40 33.21
CA LEU D 126 -47.03 -13.40 33.89
C LEU D 126 -47.23 -13.75 35.35
N LYS D 127 -47.45 -15.03 35.65
CA LYS D 127 -47.61 -15.45 37.04
C LYS D 127 -46.34 -15.26 37.85
N SER D 128 -45.19 -15.21 37.18
CA SER D 128 -43.93 -14.93 37.87
C SER D 128 -43.68 -13.43 38.08
N GLY D 129 -44.50 -12.56 37.50
CA GLY D 129 -44.40 -11.13 37.73
C GLY D 129 -43.68 -10.33 36.66
N THR D 130 -43.31 -10.94 35.54
CA THR D 130 -42.60 -10.24 34.46
C THR D 130 -43.26 -10.59 33.13
N ALA D 131 -43.36 -9.60 32.26
CA ALA D 131 -43.96 -9.77 30.93
C ALA D 131 -42.93 -9.39 29.88
N SER D 132 -42.47 -10.37 29.12
CA SER D 132 -41.54 -10.14 28.03
C SER D 132 -42.27 -10.35 26.71
N VAL D 133 -42.36 -9.29 25.91
CA VAL D 133 -42.95 -9.33 24.59
C VAL D 133 -41.81 -9.38 23.57
N VAL D 134 -41.88 -10.32 22.64
CA VAL D 134 -40.73 -10.63 21.78
C VAL D 134 -41.08 -10.34 20.33
N CYS D 135 -40.18 -9.63 19.64
CA CYS D 135 -40.31 -9.39 18.21
C CYS D 135 -39.19 -10.12 17.48
N LEU D 136 -39.56 -10.79 16.40
CA LEU D 136 -38.64 -11.67 15.69
C LEU D 136 -38.57 -11.29 14.22
N LEU D 137 -37.35 -11.11 13.72
CA LEU D 137 -37.07 -10.89 12.30
C LEU D 137 -36.27 -12.08 11.80
N ASN D 138 -36.86 -12.85 10.91
CA ASN D 138 -36.22 -14.04 10.34
C ASN D 138 -35.68 -13.74 8.95
N ASN D 139 -34.39 -14.00 8.77
CA ASN D 139 -33.78 -14.09 7.44
C ASN D 139 -33.81 -12.75 6.69
N PHE D 140 -33.18 -11.75 7.29
CA PHE D 140 -32.83 -10.53 6.59
C PHE D 140 -31.40 -10.68 6.08
N TYR D 141 -31.20 -10.50 4.77
CA TYR D 141 -29.86 -10.70 4.20
C TYR D 141 -28.85 -9.72 4.77
N PRO D 142 -29.06 -8.41 4.78
CA PRO D 142 -28.20 -7.54 5.60
C PRO D 142 -28.50 -7.75 7.08
N ARG D 143 -27.69 -7.11 7.92
CA ARG D 143 -27.84 -7.20 9.36
C ARG D 143 -28.11 -5.85 10.00
N GLU D 144 -28.57 -4.87 9.22
CA GLU D 144 -28.82 -3.53 9.73
C GLU D 144 -30.29 -3.26 10.03
N ALA D 145 -31.09 -4.30 10.27
CA ALA D 145 -32.50 -4.11 10.55
C ALA D 145 -32.72 -3.33 11.84
N LYS D 146 -33.78 -2.52 11.87
CA LYS D 146 -34.13 -1.72 13.04
C LYS D 146 -35.51 -2.11 13.56
N VAL D 147 -35.61 -2.25 14.89
CA VAL D 147 -36.84 -2.63 15.57
C VAL D 147 -37.18 -1.54 16.58
N GLN D 148 -38.43 -1.09 16.56
CA GLN D 148 -38.93 -0.10 17.50
C GLN D 148 -40.17 -0.65 18.19
N TRP D 149 -40.15 -0.72 19.51
CA TRP D 149 -41.28 -1.19 20.28
C TRP D 149 -42.26 -0.06 20.56
N LYS D 150 -43.55 -0.36 20.43
CA LYS D 150 -44.61 0.59 20.75
C LYS D 150 -45.63 -0.09 21.65
N VAL D 151 -46.10 0.65 22.64
CA VAL D 151 -47.14 0.19 23.55
C VAL D 151 -48.21 1.26 23.58
N ASP D 152 -49.40 0.93 23.06
CA ASP D 152 -50.48 1.89 22.90
C ASP D 152 -49.99 3.14 22.16
N ASN D 153 -49.24 2.92 21.08
CA ASN D 153 -48.69 3.94 20.21
C ASN D 153 -47.63 4.81 20.89
N ALA D 154 -47.25 4.49 22.12
CA ALA D 154 -46.15 5.19 22.77
C ALA D 154 -44.83 4.51 22.46
N LEU D 155 -43.78 5.31 22.30
CA LEU D 155 -42.46 4.78 21.99
C LEU D 155 -41.80 4.20 23.23
N GLN D 156 -41.13 3.07 23.06
CA GLN D 156 -40.41 2.43 24.15
C GLN D 156 -38.93 2.75 24.09
N SER D 157 -38.32 2.89 25.26
CA SER D 157 -36.90 3.22 25.34
C SER D 157 -36.38 2.79 26.71
N GLY D 158 -35.32 2.00 26.72
CA GLY D 158 -34.72 1.52 27.94
C GLY D 158 -35.31 0.22 28.47
N ASN D 159 -36.47 -0.18 27.99
CA ASN D 159 -37.12 -1.42 28.42
C ASN D 159 -36.92 -2.55 27.43
N SER D 160 -36.04 -2.40 26.45
CA SER D 160 -35.91 -3.35 25.38
C SER D 160 -34.45 -3.69 25.14
N GLN D 161 -34.24 -4.92 24.67
CA GLN D 161 -32.88 -5.42 24.46
C GLN D 161 -32.88 -6.34 23.25
N GLU D 162 -31.88 -6.18 22.38
CA GLU D 162 -31.84 -6.86 21.10
C GLU D 162 -30.71 -7.88 21.07
N SER D 163 -30.88 -8.88 20.22
CA SER D 163 -29.86 -9.90 19.99
C SER D 163 -29.94 -10.32 18.52
N VAL D 164 -28.78 -10.35 17.86
CA VAL D 164 -28.68 -10.66 16.44
C VAL D 164 -27.80 -11.88 16.28
N THR D 165 -28.25 -12.84 15.48
CA THR D 165 -27.46 -14.02 15.21
C THR D 165 -26.37 -13.73 14.20
N GLU D 166 -25.45 -14.69 14.05
CA GLU D 166 -24.42 -14.60 13.03
C GLU D 166 -25.00 -14.97 11.67
N GLN D 167 -24.23 -14.67 10.62
CA GLN D 167 -24.68 -14.96 9.27
C GLN D 167 -24.89 -16.45 9.08
N ASP D 168 -26.02 -16.82 8.49
CA ASP D 168 -26.38 -18.23 8.39
C ASP D 168 -25.38 -19.00 7.53
N SER D 169 -25.00 -20.19 8.00
CA SER D 169 -24.01 -21.00 7.30
C SER D 169 -24.49 -21.47 5.94
N LYS D 170 -25.80 -21.41 5.69
CA LYS D 170 -26.37 -21.87 4.43
C LYS D 170 -27.01 -20.75 3.62
N ASP D 171 -27.88 -19.95 4.23
CA ASP D 171 -28.61 -18.91 3.52
C ASP D 171 -27.96 -17.54 3.63
N SER D 172 -26.92 -17.40 4.46
CA SER D 172 -26.20 -16.13 4.64
C SER D 172 -27.13 -14.99 5.05
N THR D 173 -28.12 -15.32 5.88
CA THR D 173 -29.09 -14.35 6.36
C THR D 173 -28.91 -14.14 7.86
N TYR D 174 -29.57 -13.12 8.38
CA TYR D 174 -29.49 -12.73 9.77
C TYR D 174 -30.87 -12.67 10.40
N SER D 175 -30.96 -13.05 11.66
CA SER D 175 -32.18 -12.96 12.44
C SER D 175 -31.97 -12.02 13.62
N LEU D 176 -33.04 -11.34 14.03
CA LEU D 176 -32.97 -10.39 15.12
C LEU D 176 -34.12 -10.62 16.07
N SER D 177 -33.83 -10.71 17.37
CA SER D 177 -34.86 -10.83 18.38
C SER D 177 -34.76 -9.63 19.32
N SER D 178 -35.88 -8.96 19.53
CA SER D 178 -35.94 -7.81 20.43
C SER D 178 -36.95 -8.12 21.52
N THR D 179 -36.51 -8.07 22.77
CA THR D 179 -37.38 -8.38 23.90
C THR D 179 -37.67 -7.11 24.68
N LEU D 180 -38.95 -6.84 24.90
CA LEU D 180 -39.43 -5.73 25.70
C LEU D 180 -39.89 -6.29 27.03
N THR D 181 -39.31 -5.79 28.13
CA THR D 181 -39.54 -6.36 29.44
C THR D 181 -40.26 -5.36 30.33
N LEU D 182 -41.44 -5.75 30.81
CA LEU D 182 -42.24 -4.92 31.72
C LEU D 182 -42.58 -5.74 32.97
N SER D 183 -43.02 -5.03 34.01
CA SER D 183 -43.55 -5.70 35.17
C SER D 183 -44.94 -6.26 34.85
N LYS D 184 -45.44 -7.12 35.73
CA LYS D 184 -46.79 -7.64 35.57
C LYS D 184 -47.81 -6.50 35.57
N ALA D 185 -47.67 -5.57 36.53
CA ALA D 185 -48.58 -4.43 36.59
C ALA D 185 -48.44 -3.56 35.35
N ASP D 186 -47.20 -3.37 34.87
CA ASP D 186 -46.99 -2.56 33.69
C ASP D 186 -47.61 -3.21 32.46
N TYR D 187 -47.54 -4.54 32.35
CA TYR D 187 -48.21 -5.24 31.26
C TYR D 187 -49.70 -5.05 31.33
N GLU D 188 -50.28 -5.18 32.53
CA GLU D 188 -51.72 -5.00 32.68
C GLU D 188 -52.16 -3.56 32.43
N LYS D 189 -51.25 -2.59 32.59
CA LYS D 189 -51.64 -1.19 32.39
C LYS D 189 -52.08 -0.89 30.97
N HIS D 190 -51.60 -1.66 29.98
CA HIS D 190 -51.81 -1.31 28.58
C HIS D 190 -52.57 -2.42 27.86
N LYS D 191 -53.02 -2.10 26.64
CA LYS D 191 -53.84 -3.00 25.82
C LYS D 191 -53.10 -3.53 24.60
N VAL D 192 -52.54 -2.65 23.77
CA VAL D 192 -52.04 -3.01 22.45
C VAL D 192 -50.52 -2.96 22.46
N TYR D 193 -49.88 -4.06 22.04
CA TYR D 193 -48.43 -4.12 21.92
C TYR D 193 -48.04 -4.30 20.46
N ALA D 194 -47.02 -3.56 20.02
CA ALA D 194 -46.69 -3.54 18.61
C ALA D 194 -45.18 -3.42 18.41
N CYS D 195 -44.72 -4.00 17.31
CA CYS D 195 -43.32 -3.95 16.89
C CYS D 195 -43.28 -3.38 15.48
N GLU D 196 -42.55 -2.28 15.30
CA GLU D 196 -42.34 -1.68 14.00
C GLU D 196 -40.92 -1.98 13.53
N VAL D 197 -40.80 -2.46 12.30
CA VAL D 197 -39.55 -2.96 11.77
C VAL D 197 -39.24 -2.21 10.48
N THR D 198 -37.99 -1.77 10.35
CA THR D 198 -37.52 -1.01 9.21
C THR D 198 -36.23 -1.63 8.69
N HIS D 199 -36.15 -1.81 7.38
CA HIS D 199 -34.95 -2.34 6.75
C HIS D 199 -34.87 -1.76 5.35
N GLN D 200 -33.66 -1.80 4.78
CA GLN D 200 -33.45 -1.22 3.46
C GLN D 200 -34.23 -1.94 2.37
N GLY D 201 -34.58 -3.21 2.59
CA GLY D 201 -35.42 -3.93 1.67
C GLY D 201 -36.90 -3.69 1.84
N LEU D 202 -37.28 -2.71 2.66
CA LEU D 202 -38.66 -2.44 2.97
C LEU D 202 -39.06 -1.08 2.40
N SER D 203 -40.14 -1.06 1.63
CA SER D 203 -40.65 0.20 1.10
C SER D 203 -41.53 0.95 2.10
N SER D 204 -42.00 0.28 3.16
CA SER D 204 -42.89 0.92 4.12
C SER D 204 -42.85 0.13 5.41
N PRO D 205 -42.75 0.80 6.57
CA PRO D 205 -42.44 0.09 7.82
C PRO D 205 -43.43 -1.03 8.11
N VAL D 206 -42.90 -2.15 8.62
CA VAL D 206 -43.71 -3.32 8.93
C VAL D 206 -44.19 -3.21 10.38
N THR D 207 -45.48 -3.37 10.60
CA THR D 207 -46.03 -3.29 11.95
C THR D 207 -46.72 -4.60 12.27
N LYS D 208 -46.28 -5.25 13.34
CA LYS D 208 -46.97 -6.39 13.91
C LYS D 208 -47.50 -5.98 15.27
N SER D 209 -48.64 -6.55 15.67
CA SER D 209 -49.24 -6.12 16.91
C SER D 209 -50.18 -7.19 17.44
N PHE D 210 -50.51 -7.07 18.73
CA PHE D 210 -51.47 -7.95 19.37
C PHE D 210 -52.14 -7.22 20.52
N ASN D 211 -53.25 -7.79 20.97
CA ASN D 211 -53.95 -7.34 22.17
C ASN D 211 -53.53 -8.20 23.34
N ARG D 212 -53.28 -7.54 24.48
CA ARG D 212 -52.89 -8.21 25.72
C ARG D 212 -53.78 -9.41 26.05
N LEU E 99 48.28 32.63 -50.19
CA LEU E 99 48.22 33.15 -48.83
C LEU E 99 47.13 32.47 -48.01
N LEU E 100 45.97 32.21 -48.63
CA LEU E 100 44.90 31.50 -47.93
C LEU E 100 45.33 30.10 -47.54
N ALA E 101 46.15 29.46 -48.38
CA ALA E 101 46.70 28.16 -48.02
C ALA E 101 47.60 28.27 -46.79
N ARG E 102 48.41 29.33 -46.72
CA ARG E 102 49.24 29.53 -45.53
C ARG E 102 48.38 29.83 -44.31
N ALA E 103 47.26 30.53 -44.50
CA ALA E 103 46.35 30.79 -43.38
C ALA E 103 45.73 29.49 -42.87
N GLU E 104 45.32 28.62 -43.78
CA GLU E 104 44.80 27.32 -43.38
C GLU E 104 45.87 26.51 -42.68
N LEU E 105 47.10 26.55 -43.18
CA LEU E 105 48.21 25.89 -42.52
C LEU E 105 48.41 26.42 -41.10
N ALA E 106 48.33 27.73 -40.94
CA ALA E 106 48.51 28.34 -39.61
C ALA E 106 47.40 27.89 -38.67
N LEU E 107 46.15 27.90 -39.13
CA LEU E 107 45.04 27.46 -38.28
C LEU E 107 45.19 26.00 -37.87
N LEU E 108 45.58 25.14 -38.83
CA LEU E 108 45.75 23.73 -38.52
C LEU E 108 46.91 23.51 -37.55
N SER E 109 48.02 24.21 -37.75
CA SER E 109 49.16 24.06 -36.86
C SER E 109 48.82 24.54 -35.46
N ILE E 110 48.06 25.63 -35.35
CA ILE E 110 47.64 26.12 -34.04
C ILE E 110 46.73 25.11 -33.37
N VAL E 111 45.80 24.52 -34.14
CA VAL E 111 44.92 23.51 -33.55
C VAL E 111 45.73 22.32 -33.05
N PHE E 112 46.70 21.86 -33.86
CA PHE E 112 47.56 20.77 -33.45
C PHE E 112 48.30 21.11 -32.17
N VAL E 113 48.85 22.32 -32.11
CA VAL E 113 49.58 22.76 -30.91
C VAL E 113 48.68 22.73 -29.70
N ALA E 114 47.48 23.32 -29.81
CA ALA E 114 46.59 23.40 -28.67
C ALA E 114 46.23 22.01 -28.16
N VAL E 115 45.85 21.11 -29.07
CA VAL E 115 45.39 19.80 -28.64
C VAL E 115 46.55 19.00 -28.04
N ALA E 116 47.67 18.91 -28.77
CA ALA E 116 48.80 18.12 -28.28
C ALA E 116 49.32 18.66 -26.97
N LEU E 117 49.43 19.98 -26.84
CA LEU E 117 49.98 20.57 -25.63
C LEU E 117 49.04 20.37 -24.45
N SER E 118 47.75 20.67 -24.62
CA SER E 118 46.82 20.51 -23.51
C SER E 118 46.78 19.06 -23.04
N ASN E 119 46.71 18.11 -23.97
CA ASN E 119 46.59 16.73 -23.53
C ASN E 119 47.90 16.19 -22.98
N GLY E 120 49.05 16.60 -23.54
CA GLY E 120 50.32 16.21 -22.95
C GLY E 120 50.50 16.76 -21.55
N LEU E 121 50.07 18.01 -21.32
CA LEU E 121 50.16 18.59 -19.99
C LEU E 121 49.24 17.88 -19.00
N VAL E 122 48.04 17.52 -19.44
CA VAL E 122 47.15 16.77 -18.54
C VAL E 122 47.74 15.41 -18.20
N LEU E 123 48.32 14.73 -19.21
CA LEU E 123 48.95 13.43 -18.96
C LEU E 123 50.16 13.57 -18.04
N ALA E 124 50.93 14.65 -18.19
CA ALA E 124 52.06 14.91 -17.30
C ALA E 124 51.59 15.15 -15.87
N ALA E 125 50.49 15.90 -15.71
CA ALA E 125 49.95 16.13 -14.38
C ALA E 125 49.50 14.82 -13.74
N LEU E 126 48.86 13.95 -14.53
CA LEU E 126 48.46 12.65 -14.03
C LEU E 126 49.68 11.80 -13.66
N ALA E 127 50.73 11.84 -14.48
CA ALA E 127 51.94 11.10 -14.17
C ALA E 127 52.59 11.60 -12.88
N ARG E 128 52.61 12.93 -12.68
CA ARG E 128 53.16 13.48 -11.46
C ARG E 128 52.33 13.10 -10.25
N ARG E 129 51.00 13.13 -10.37
CA ARG E 129 50.17 12.60 -9.31
C ARG E 129 50.49 11.14 -9.05
N GLY E 130 50.93 10.42 -10.08
CA GLY E 130 51.31 9.03 -9.91
C GLY E 130 52.38 8.81 -8.87
N ARG E 131 53.12 9.87 -8.50
CA ARG E 131 54.11 9.75 -7.44
C ARG E 131 53.49 9.38 -6.11
N ARG E 132 52.20 9.68 -5.92
CA ARG E 132 51.51 9.44 -4.66
C ARG E 132 50.72 8.13 -4.67
N GLY E 133 50.88 7.31 -5.70
CA GLY E 133 50.11 6.09 -5.82
C GLY E 133 48.68 6.30 -6.24
N HIS E 134 48.36 7.46 -6.81
CA HIS E 134 46.98 7.84 -7.10
C HIS E 134 46.51 7.21 -8.40
N TRP E 135 46.36 5.88 -8.37
CA TRP E 135 45.67 5.18 -9.44
C TRP E 135 44.17 5.24 -9.20
N ALA E 136 43.67 6.47 -9.08
CA ALA E 136 42.25 6.69 -8.88
C ALA E 136 41.51 6.36 -10.17
N PRO E 137 40.27 5.87 -10.06
CA PRO E 137 39.54 5.47 -11.28
C PRO E 137 39.42 6.58 -12.30
N ILE E 138 39.16 7.82 -11.86
CA ILE E 138 38.94 8.91 -12.81
C ILE E 138 40.21 9.21 -13.59
N HIS E 139 41.37 8.96 -12.99
CA HIS E 139 42.62 9.33 -13.64
C HIS E 139 42.87 8.53 -14.90
N VAL E 140 42.61 7.22 -14.88
CA VAL E 140 42.89 6.40 -16.05
C VAL E 140 41.94 6.75 -17.18
N PHE E 141 40.67 7.01 -16.84
CA PHE E 141 39.69 7.37 -17.87
C PHE E 141 40.08 8.66 -18.56
N ILE E 142 40.37 9.72 -17.79
CA ILE E 142 40.71 10.99 -18.43
C ILE E 142 42.07 10.91 -19.09
N GLY E 143 42.99 10.10 -18.55
CA GLY E 143 44.27 9.92 -19.21
C GLY E 143 44.11 9.31 -20.59
N HIS E 144 43.29 8.27 -20.70
CA HIS E 144 43.08 7.66 -22.01
C HIS E 144 42.18 8.51 -22.89
N LEU E 145 41.33 9.36 -22.31
CA LEU E 145 40.61 10.34 -23.12
C LEU E 145 41.59 11.34 -23.74
N CYS E 146 42.56 11.81 -22.95
CA CYS E 146 43.59 12.68 -23.49
C CYS E 146 44.47 11.96 -24.50
N LEU E 147 44.71 10.66 -24.28
CA LEU E 147 45.42 9.86 -25.27
C LEU E 147 44.64 9.76 -26.57
N ALA E 148 43.32 9.60 -26.48
CA ALA E 148 42.48 9.60 -27.68
C ALA E 148 42.53 10.94 -28.38
N ASP E 149 42.48 12.03 -27.62
CA ASP E 149 42.61 13.36 -28.22
C ASP E 149 43.99 13.54 -28.85
N LEU E 150 45.02 12.92 -28.27
CA LEU E 150 46.35 12.96 -28.86
C LEU E 150 46.38 12.21 -30.19
N ALA E 151 45.77 11.03 -30.23
CA ALA E 151 45.68 10.30 -31.49
C ALA E 151 44.92 11.10 -32.54
N VAL E 152 43.83 11.76 -32.11
CA VAL E 152 43.09 12.64 -33.01
C VAL E 152 43.99 13.73 -33.55
N ALA E 153 44.69 14.44 -32.66
CA ALA E 153 45.58 15.52 -33.11
C ALA E 153 46.64 14.99 -34.08
N LEU E 154 47.25 13.86 -33.74
CA LEU E 154 48.35 13.34 -34.55
C LEU E 154 47.89 12.78 -35.89
N PHE E 155 46.61 12.42 -36.03
CA PHE E 155 46.17 11.76 -37.26
C PHE E 155 44.93 12.37 -37.90
N GLN E 156 44.45 13.50 -37.39
CA GLN E 156 43.47 14.34 -38.05
C GLN E 156 44.07 15.64 -38.58
N VAL E 157 44.92 16.30 -37.77
CA VAL E 157 45.47 17.58 -38.18
C VAL E 157 46.72 17.39 -39.04
N LEU E 158 47.63 16.53 -38.59
CA LEU E 158 48.86 16.28 -39.35
C LEU E 158 48.61 15.83 -40.78
N PRO E 159 47.72 14.86 -41.05
CA PRO E 159 47.43 14.55 -42.46
C PRO E 159 46.93 15.77 -43.19
N GLN E 160 46.01 16.50 -42.57
CA GLN E 160 45.49 17.73 -43.17
C GLN E 160 46.62 18.73 -43.44
N LEU E 161 47.56 18.87 -42.51
CA LEU E 161 48.67 19.79 -42.70
C LEU E 161 49.55 19.36 -43.88
N ALA E 162 49.89 18.07 -43.92
CA ALA E 162 50.74 17.56 -44.98
C ALA E 162 50.06 17.67 -46.33
N TRP E 163 48.74 17.52 -46.36
CA TRP E 163 47.98 17.63 -47.60
C TRP E 163 47.86 19.08 -48.03
N LYS E 164 47.64 19.99 -47.08
CA LYS E 164 47.59 21.41 -47.41
C LYS E 164 48.94 21.87 -47.98
N ALA E 165 50.03 21.41 -47.39
CA ALA E 165 51.30 21.53 -48.09
C ALA E 165 51.27 20.69 -49.35
N THR E 166 51.91 21.19 -50.41
CA THR E 166 51.91 20.60 -51.76
C THR E 166 50.45 20.40 -52.17
N ASP E 167 50.04 19.21 -52.66
CA ASP E 167 48.65 19.08 -53.06
C ASP E 167 48.00 17.75 -52.71
N ARG E 168 48.57 16.96 -51.80
CA ARG E 168 47.97 15.70 -51.36
C ARG E 168 48.80 15.14 -50.23
N PHE E 169 48.28 14.10 -49.57
CA PHE E 169 49.01 13.40 -48.51
C PHE E 169 49.94 12.37 -49.16
N ARG E 170 51.13 12.84 -49.54
CA ARG E 170 52.12 11.99 -50.16
C ARG E 170 52.55 10.86 -49.23
N GLY E 171 52.60 9.65 -49.77
CA GLY E 171 53.02 8.50 -49.01
C GLY E 171 52.73 7.20 -49.74
N ASP E 173 50.73 3.67 -50.37
CA ASP E 173 49.31 3.35 -50.28
C ASP E 173 48.96 2.74 -48.91
N ALA E 174 49.85 1.93 -48.36
CA ALA E 174 49.60 1.34 -47.05
C ALA E 174 49.38 2.43 -46.00
N LEU E 175 50.29 3.41 -45.96
CA LEU E 175 50.13 4.53 -45.04
C LEU E 175 48.95 5.40 -45.44
N CYS E 176 48.70 5.51 -46.74
CA CYS E 176 47.57 6.29 -47.24
C CYS E 176 46.26 5.82 -46.60
N ARG E 177 46.02 4.51 -46.55
CA ARG E 177 44.84 4.00 -45.88
C ARG E 177 45.03 3.87 -44.36
N ALA E 178 46.27 3.69 -43.90
CA ALA E 178 46.52 3.55 -42.47
C ALA E 178 46.15 4.82 -41.73
N VAL E 179 46.42 5.97 -42.35
CA VAL E 179 46.01 7.24 -41.77
C VAL E 179 44.51 7.25 -41.54
N LYS E 180 43.74 6.81 -42.54
CA LYS E 180 42.29 6.77 -42.40
C LYS E 180 41.88 5.88 -41.25
N TYR E 181 42.45 4.68 -41.19
CA TYR E 181 42.17 3.78 -40.08
C TYR E 181 42.41 4.46 -38.74
N LEU E 182 43.58 5.08 -38.56
CA LEU E 182 43.92 5.67 -37.26
C LEU E 182 43.03 6.85 -36.96
N GLN E 183 42.66 7.60 -38.00
CA GLN E 183 41.85 8.77 -37.84
C GLN E 183 40.50 8.39 -37.31
N MET E 184 39.90 7.37 -37.95
CA MET E 184 38.62 6.85 -37.51
C MET E 184 38.72 6.24 -36.12
N VAL E 185 39.87 5.62 -35.80
CA VAL E 185 40.09 5.12 -34.45
C VAL E 185 39.91 6.25 -33.45
N GLY E 186 40.55 7.39 -33.73
CA GLY E 186 40.38 8.54 -32.86
C GLY E 186 38.96 9.06 -32.86
N MET E 187 38.27 9.01 -34.00
CA MET E 187 36.92 9.53 -34.08
C MET E 187 35.97 8.70 -33.22
N TYR E 188 36.16 7.38 -33.19
CA TYR E 188 35.36 6.55 -32.30
C TYR E 188 35.72 6.76 -30.84
N ALA E 189 37.03 6.82 -30.55
CA ALA E 189 37.47 6.96 -29.17
C ALA E 189 37.01 8.27 -28.56
N SER E 190 36.92 9.34 -29.36
CA SER E 190 36.55 10.65 -28.85
C SER E 190 35.17 10.66 -28.20
N SER E 191 34.31 9.71 -28.51
CA SER E 191 33.05 9.54 -27.80
C SER E 191 33.02 8.31 -26.92
N TYR E 192 33.78 7.27 -27.26
CA TYR E 192 33.78 6.05 -26.46
C TYR E 192 34.42 6.27 -25.10
N MET E 193 35.44 7.13 -25.01
CA MET E 193 36.00 7.45 -23.71
C MET E 193 35.00 8.23 -22.86
N ILE E 194 34.20 9.09 -23.48
CA ILE E 194 33.17 9.79 -22.71
C ILE E 194 32.13 8.81 -22.21
N LEU E 195 31.76 7.83 -23.05
CA LEU E 195 30.82 6.80 -22.62
C LEU E 195 31.40 6.00 -21.45
N ALA E 196 32.69 5.67 -21.53
CA ALA E 196 33.34 4.97 -20.41
C ALA E 196 33.29 5.80 -19.14
N MET E 197 33.56 7.11 -19.25
CA MET E 197 33.51 7.96 -18.07
C MET E 197 32.10 8.00 -17.48
N THR E 198 31.09 8.10 -18.32
CA THR E 198 29.71 8.13 -17.81
C THR E 198 29.35 6.81 -17.14
N LEU E 199 29.79 5.69 -17.71
CA LEU E 199 29.56 4.40 -17.07
C LEU E 199 30.23 4.35 -15.70
N ASP E 200 31.45 4.86 -15.59
CA ASP E 200 32.15 4.82 -14.32
C ASP E 200 31.46 5.72 -13.29
N ARG E 201 30.94 6.87 -13.73
CA ARG E 201 30.21 7.72 -12.81
C ARG E 201 28.92 7.05 -12.34
N HIS E 202 28.25 6.31 -13.24
CA HIS E 202 27.13 5.49 -12.83
C HIS E 202 27.55 4.50 -11.76
N ARG E 203 28.68 3.82 -11.98
CA ARG E 203 29.13 2.81 -11.02
C ARG E 203 29.47 3.43 -9.68
N ALA E 204 30.02 4.64 -9.67
CA ALA E 204 30.47 5.26 -8.43
C ALA E 204 29.36 5.42 -7.41
N ILE E 205 28.09 5.42 -7.85
CA ILE E 205 26.94 5.48 -6.96
C ILE E 205 26.18 4.15 -7.00
N CYS E 206 26.91 3.07 -7.28
CA CYS E 206 26.36 1.73 -7.42
C CYS E 206 27.32 0.80 -6.70
N ARG E 207 27.22 -0.49 -7.00
CA ARG E 207 28.16 -1.46 -6.46
C ARG E 207 29.60 -0.95 -6.59
N PRO E 208 30.46 -1.17 -5.60
CA PRO E 208 31.80 -0.58 -5.54
C PRO E 208 32.64 -0.86 -6.78
N ASN E 221 42.17 0.32 -17.20
CA ASN E 221 41.26 -0.68 -16.67
C ASN E 221 40.43 -1.33 -17.77
N ARG E 222 39.48 -2.19 -17.37
CA ARG E 222 38.64 -2.92 -18.32
C ARG E 222 37.84 -2.01 -19.23
N PRO E 223 37.05 -1.04 -18.72
CA PRO E 223 36.20 -0.27 -19.63
C PRO E 223 36.97 0.63 -20.58
N VAL E 224 38.14 1.12 -20.18
CA VAL E 224 38.96 1.90 -21.10
C VAL E 224 39.45 1.02 -22.25
N LEU E 225 39.87 -0.20 -21.93
CA LEU E 225 40.25 -1.13 -22.99
C LEU E 225 39.06 -1.50 -23.86
N VAL E 226 37.86 -1.54 -23.28
CA VAL E 226 36.66 -1.81 -24.08
C VAL E 226 36.44 -0.68 -25.08
N ALA E 227 36.55 0.57 -24.62
CA ALA E 227 36.41 1.70 -25.52
C ALA E 227 37.48 1.69 -26.60
N TRP E 228 38.72 1.37 -26.22
CA TRP E 228 39.80 1.29 -27.22
C TRP E 228 39.53 0.19 -28.23
N ALA E 229 39.07 -0.97 -27.78
CA ALA E 229 38.79 -2.08 -28.69
C ALA E 229 37.69 -1.71 -29.66
N PHE E 230 36.65 -1.00 -29.18
CA PHE E 230 35.61 -0.54 -30.08
C PHE E 230 36.16 0.44 -31.11
N SER E 231 36.96 1.41 -30.66
CA SER E 231 37.48 2.42 -31.58
C SER E 231 38.44 1.82 -32.59
N LEU E 232 39.12 0.73 -32.22
CA LEU E 232 40.05 0.09 -33.14
C LEU E 232 39.32 -0.82 -34.12
N LEU E 233 38.46 -1.72 -33.61
CA LEU E 233 37.76 -2.66 -34.46
C LEU E 233 36.81 -1.97 -35.42
N LEU E 234 36.10 -0.94 -34.95
CA LEU E 234 35.12 -0.28 -35.81
C LEU E 234 35.76 0.58 -36.88
N SER E 235 37.07 0.81 -36.81
CA SER E 235 37.80 1.52 -37.86
C SER E 235 38.48 0.58 -38.84
N LEU E 236 38.42 -0.73 -38.60
CA LEU E 236 39.06 -1.69 -39.50
C LEU E 236 38.61 -1.56 -40.95
N PRO E 237 37.33 -1.27 -41.26
CA PRO E 237 36.96 -1.09 -42.67
C PRO E 237 37.76 -0.02 -43.40
N GLN E 238 38.30 0.96 -42.68
CA GLN E 238 39.12 1.97 -43.33
C GLN E 238 40.36 1.38 -43.99
N LEU E 239 40.77 0.18 -43.60
CA LEU E 239 41.90 -0.46 -44.25
C LEU E 239 41.53 -1.15 -45.56
N PHE E 240 40.25 -1.13 -45.95
CA PHE E 240 39.87 -1.53 -47.30
C PHE E 240 38.99 -0.51 -48.01
N ILE E 241 38.44 0.48 -47.31
CA ILE E 241 37.66 1.53 -47.97
C ILE E 241 38.57 2.45 -48.78
N PHE E 242 39.64 2.94 -48.17
CA PHE E 242 40.52 3.92 -48.80
C PHE E 242 41.73 3.23 -49.42
N ALA E 243 42.04 3.61 -50.66
CA ALA E 243 43.22 3.13 -51.36
C ALA E 243 43.42 4.00 -52.60
N GLN E 244 44.66 4.04 -53.09
CA GLN E 244 44.96 4.87 -54.27
C GLN E 244 43.84 4.80 -55.30
N THR E 254 48.42 11.39 -56.91
CA THR E 254 47.46 10.36 -56.52
C THR E 254 47.15 10.45 -55.03
N ASP E 255 45.97 9.96 -54.65
CA ASP E 255 45.56 9.94 -53.25
C ASP E 255 44.47 8.87 -53.11
N CYS E 256 44.01 8.68 -51.87
CA CYS E 256 43.10 7.59 -51.56
C CYS E 256 41.64 8.01 -51.74
N TRP E 257 40.87 7.11 -52.34
CA TRP E 257 39.45 7.32 -52.60
C TRP E 257 38.64 6.30 -51.83
N ALA E 258 37.42 6.68 -51.45
CA ALA E 258 36.52 5.79 -50.76
C ALA E 258 35.52 5.18 -51.71
N CYS E 259 35.93 5.02 -52.98
CA CYS E 259 35.05 4.45 -54.00
C CYS E 259 34.35 3.23 -53.44
N PHE E 260 33.00 3.22 -53.47
CA PHE E 260 32.21 2.12 -52.91
C PHE E 260 32.64 1.88 -51.46
N TRP E 264 25.74 1.60 -53.86
CA TRP E 264 26.18 2.90 -53.35
C TRP E 264 26.93 2.67 -52.08
N GLY E 265 27.82 3.60 -51.75
CA GLY E 265 28.55 3.49 -50.50
C GLY E 265 28.37 4.69 -49.60
N ARG E 266 27.90 5.79 -50.18
CA ARG E 266 27.89 7.06 -49.45
C ARG E 266 27.03 6.97 -48.20
N ARG E 267 25.73 6.73 -48.37
CA ARG E 267 24.86 6.60 -47.21
C ARG E 267 25.23 5.37 -46.38
N THR E 268 25.81 4.34 -46.99
CA THR E 268 26.16 3.13 -46.25
C THR E 268 27.17 3.44 -45.14
N TYR E 269 28.39 3.80 -45.54
CA TYR E 269 29.43 4.07 -44.56
C TYR E 269 29.15 5.36 -43.81
N VAL E 270 28.49 6.33 -44.43
CA VAL E 270 28.19 7.56 -43.73
C VAL E 270 27.22 7.30 -42.58
N THR E 271 26.17 6.50 -42.82
CA THR E 271 25.26 6.17 -41.73
C THR E 271 25.96 5.33 -40.67
N TRP E 272 26.77 4.37 -41.08
CA TRP E 272 27.50 3.58 -40.08
C TRP E 272 28.36 4.47 -39.19
N ILE E 273 29.12 5.39 -39.80
CA ILE E 273 30.02 6.24 -39.03
C ILE E 273 29.22 7.21 -38.16
N ALA E 274 28.18 7.83 -38.72
CA ALA E 274 27.41 8.80 -37.96
C ALA E 274 26.73 8.15 -36.76
N LEU E 275 26.25 6.92 -36.92
CA LEU E 275 25.59 6.24 -35.80
C LEU E 275 26.59 5.76 -34.77
N MET E 276 27.64 5.06 -35.19
CA MET E 276 28.60 4.51 -34.23
C MET E 276 29.37 5.61 -33.52
N VAL E 277 29.73 6.67 -34.24
CA VAL E 277 30.59 7.69 -33.67
C VAL E 277 29.77 8.72 -32.88
N PHE E 278 28.64 9.15 -33.43
CA PHE E 278 27.93 10.28 -32.82
C PHE E 278 26.56 9.91 -32.26
N VAL E 279 25.63 9.43 -33.08
CA VAL E 279 24.22 9.41 -32.67
C VAL E 279 23.97 8.32 -31.64
N ALA E 280 24.35 7.08 -31.95
CA ALA E 280 24.12 5.99 -31.00
C ALA E 280 24.84 6.20 -29.69
N PRO E 281 26.13 6.56 -29.63
CA PRO E 281 26.74 6.85 -28.33
C PRO E 281 26.20 8.10 -27.67
N THR E 282 25.70 9.09 -28.43
CA THR E 282 25.09 10.25 -27.79
C THR E 282 23.81 9.84 -27.07
N LEU E 283 22.96 9.07 -27.73
CA LEU E 283 21.72 8.62 -27.08
C LEU E 283 22.02 7.64 -25.95
N GLY E 284 23.01 6.76 -26.13
CA GLY E 284 23.38 5.84 -25.07
C GLY E 284 23.91 6.57 -23.85
N ILE E 285 24.78 7.55 -24.07
CA ILE E 285 25.32 8.32 -22.96
C ILE E 285 24.25 9.20 -22.34
N ALA E 286 23.26 9.64 -23.13
CA ALA E 286 22.14 10.35 -22.54
C ALA E 286 21.33 9.43 -21.63
N ALA E 287 21.10 8.20 -22.07
CA ALA E 287 20.38 7.24 -21.23
C ALA E 287 21.17 6.93 -19.97
N CYS E 288 22.48 6.77 -20.10
CA CYS E 288 23.33 6.50 -18.93
C CYS E 288 23.35 7.69 -17.98
N GLN E 289 23.36 8.91 -18.51
CA GLN E 289 23.31 10.09 -17.63
C GLN E 289 21.96 10.21 -16.95
N VAL E 290 20.89 9.81 -17.63
CA VAL E 290 19.60 9.75 -16.96
C VAL E 290 19.61 8.71 -15.86
N LEU E 291 20.27 7.57 -16.08
CA LEU E 291 20.46 6.59 -15.01
C LEU E 291 21.31 7.17 -13.88
N ILE E 292 22.29 8.00 -14.22
CA ILE E 292 23.14 8.62 -13.20
C ILE E 292 22.32 9.54 -12.31
N PHE E 293 21.49 10.39 -12.91
CA PHE E 293 20.58 11.20 -12.11
C PHE E 293 19.56 10.32 -11.40
N ARG E 294 19.20 9.17 -11.99
CA ARG E 294 18.28 8.23 -11.36
C ARG E 294 18.84 7.75 -10.03
N GLU E 295 20.11 7.37 -10.01
CA GLU E 295 20.72 6.92 -8.76
C GLU E 295 21.06 8.09 -7.84
N ILE E 296 21.48 9.23 -8.39
CA ILE E 296 21.78 10.39 -7.55
C ILE E 296 20.52 10.87 -6.87
N HIS E 297 19.43 11.00 -7.63
CA HIS E 297 18.18 11.53 -7.10
C HIS E 297 17.58 10.60 -6.06
N ALA E 298 17.65 9.28 -6.31
CA ALA E 298 17.07 8.28 -5.42
C ALA E 298 17.46 8.46 -3.96
N ALA E 328 29.68 15.96 -2.52
CA ALA E 328 29.15 15.30 -3.70
C ALA E 328 30.21 15.26 -4.80
N ALA E 329 31.31 14.56 -4.50
CA ALA E 329 32.40 14.45 -5.47
C ALA E 329 31.94 13.75 -6.74
N VAL E 330 31.12 12.69 -6.60
CA VAL E 330 30.62 12.00 -7.78
C VAL E 330 29.69 12.89 -8.58
N ALA E 331 28.87 13.69 -7.91
CA ALA E 331 28.02 14.63 -8.63
C ALA E 331 28.86 15.65 -9.40
N LYS E 332 29.96 16.12 -8.79
CA LYS E 332 30.85 17.04 -9.48
C LYS E 332 31.48 16.39 -10.71
N THR E 333 31.94 15.15 -10.56
CA THR E 333 32.55 14.47 -11.70
C THR E 333 31.52 14.13 -12.77
N VAL E 334 30.26 13.90 -12.37
CA VAL E 334 29.18 13.72 -13.32
C VAL E 334 28.95 14.99 -14.10
N ARG E 335 28.97 16.14 -13.41
CA ARG E 335 28.83 17.42 -14.11
C ARG E 335 29.98 17.64 -15.10
N MET E 336 31.20 17.30 -14.69
CA MET E 336 32.33 17.40 -15.61
C MET E 336 32.09 16.57 -16.86
N THR E 337 31.69 15.31 -16.68
CA THR E 337 31.43 14.45 -17.83
C THR E 337 30.29 15.01 -18.67
N LEU E 338 29.29 15.62 -18.03
CA LEU E 338 28.20 16.23 -18.76
C LEU E 338 28.67 17.38 -19.64
N VAL E 339 29.55 18.23 -19.10
CA VAL E 339 30.10 19.32 -19.90
C VAL E 339 30.89 18.76 -21.07
N ILE E 340 31.63 17.67 -20.83
CA ILE E 340 32.38 17.04 -21.91
C ILE E 340 31.44 16.55 -23.00
N VAL E 341 30.33 15.91 -22.61
CA VAL E 341 29.35 15.42 -23.57
C VAL E 341 28.76 16.57 -24.37
N VAL E 342 28.39 17.65 -23.68
CA VAL E 342 27.77 18.79 -24.36
C VAL E 342 28.72 19.40 -25.38
N VAL E 343 29.99 19.57 -24.99
CA VAL E 343 30.97 20.11 -25.92
C VAL E 343 31.16 19.18 -27.11
N TYR E 344 31.23 17.87 -26.85
CA TYR E 344 31.39 16.91 -27.94
C TYR E 344 30.23 17.00 -28.91
N VAL E 345 29.00 17.04 -28.39
CA VAL E 345 27.82 17.09 -29.26
C VAL E 345 27.82 18.38 -30.07
N LEU E 346 28.10 19.51 -29.42
CA LEU E 346 28.10 20.79 -30.13
C LEU E 346 29.16 20.83 -31.21
N CYS E 347 30.34 20.28 -30.93
CA CYS E 347 31.41 20.31 -31.93
C CYS E 347 31.10 19.40 -33.11
N TRP E 348 30.53 18.22 -32.85
CA TRP E 348 30.44 17.21 -33.91
C TRP E 348 29.08 17.11 -34.58
N ALA E 349 28.05 17.79 -34.08
CA ALA E 349 26.73 17.68 -34.69
C ALA E 349 26.69 18.07 -36.16
N PRO E 350 27.16 19.25 -36.58
CA PRO E 350 27.04 19.61 -38.00
C PRO E 350 27.87 18.74 -38.91
N PHE E 351 28.96 18.16 -38.40
CA PHE E 351 29.81 17.28 -39.18
C PHE E 351 29.00 16.14 -39.77
N PHE E 352 28.42 15.30 -38.91
CA PHE E 352 27.64 14.17 -39.37
C PHE E 352 26.29 14.60 -39.92
N LEU E 353 25.76 15.75 -39.48
CA LEU E 353 24.54 16.27 -40.10
C LEU E 353 24.73 16.44 -41.60
N VAL E 354 25.78 17.16 -42.00
CA VAL E 354 25.99 17.39 -43.42
C VAL E 354 26.53 16.13 -44.10
N GLN E 355 27.23 15.27 -43.37
CA GLN E 355 27.68 14.02 -43.98
C GLN E 355 26.50 13.15 -44.39
N LEU E 356 25.52 12.97 -43.50
CA LEU E 356 24.31 12.22 -43.86
C LEU E 356 23.52 12.94 -44.94
N TRP E 357 23.45 14.27 -44.88
CA TRP E 357 22.81 15.03 -45.95
C TRP E 357 23.37 14.61 -47.30
N ALA E 358 24.67 14.79 -47.49
CA ALA E 358 25.29 14.39 -48.74
C ALA E 358 25.07 12.91 -49.01
N ALA E 359 24.95 12.11 -47.95
CA ALA E 359 24.79 10.67 -48.10
C ALA E 359 23.48 10.31 -48.81
N TRP E 360 22.37 10.92 -48.40
CA TRP E 360 21.09 10.56 -49.00
C TRP E 360 20.67 11.51 -50.12
N ASP E 361 21.21 12.72 -50.16
CA ASP E 361 20.90 13.70 -51.20
C ASP E 361 22.15 14.51 -51.48
N PRO E 362 22.85 14.22 -52.58
CA PRO E 362 24.06 14.97 -52.95
C PRO E 362 23.75 16.42 -53.33
N PRO E 370 34.18 23.56 -48.27
CA PRO E 370 33.84 24.25 -47.02
C PRO E 370 33.73 23.31 -45.84
N PHE E 371 34.06 22.04 -46.06
CA PHE E 371 34.06 21.09 -44.96
C PHE E 371 35.18 21.36 -43.95
N VAL E 372 36.20 22.11 -44.36
CA VAL E 372 37.38 22.33 -43.50
C VAL E 372 37.00 23.08 -42.24
N LEU E 373 36.04 23.99 -42.33
CA LEU E 373 35.58 24.68 -41.12
C LEU E 373 34.98 23.71 -40.13
N LEU E 374 34.26 22.71 -40.62
CA LEU E 374 33.69 21.72 -39.72
C LEU E 374 34.77 20.81 -39.17
N MET E 375 35.78 20.48 -39.98
CA MET E 375 36.89 19.71 -39.44
C MET E 375 37.56 20.47 -38.30
N LEU E 376 37.74 21.78 -38.45
CA LEU E 376 38.36 22.58 -37.40
C LEU E 376 37.49 22.64 -36.15
N LEU E 377 36.19 22.93 -36.31
CA LEU E 377 35.33 23.01 -35.15
C LEU E 377 35.22 21.67 -34.43
N ALA E 378 35.19 20.57 -35.19
CA ALA E 378 35.17 19.25 -34.57
C ALA E 378 36.46 18.99 -33.80
N SER E 379 37.61 19.34 -34.40
CA SER E 379 38.88 19.09 -33.74
C SER E 379 39.10 19.99 -32.53
N LEU E 380 38.36 21.11 -32.44
CA LEU E 380 38.48 21.94 -31.24
C LEU E 380 38.00 21.22 -29.98
N ASN E 381 37.15 20.21 -30.12
CA ASN E 381 36.67 19.47 -28.94
C ASN E 381 37.81 18.74 -28.23
N SER E 382 38.77 18.20 -28.99
CA SER E 382 39.88 17.47 -28.41
C SER E 382 40.87 18.36 -27.68
N CYS E 383 40.74 19.68 -27.81
CA CYS E 383 41.47 20.61 -26.95
C CYS E 383 40.59 21.22 -25.88
N THR E 384 39.27 21.23 -26.08
CA THR E 384 38.37 21.74 -25.06
C THR E 384 38.24 20.77 -23.90
N ASN E 385 38.12 19.46 -24.19
CA ASN E 385 37.94 18.44 -23.15
C ASN E 385 39.00 18.51 -22.04
N PRO E 386 40.30 18.46 -22.36
CA PRO E 386 41.29 18.42 -21.27
C PRO E 386 41.26 19.64 -20.37
N TRP E 387 40.89 20.81 -20.90
CA TRP E 387 40.81 21.98 -20.04
C TRP E 387 39.56 21.96 -19.17
N ILE E 388 38.47 21.39 -19.65
CA ILE E 388 37.32 21.16 -18.77
C ILE E 388 37.72 20.23 -17.63
N TYR E 389 38.41 19.14 -17.96
CA TYR E 389 38.83 18.22 -16.91
C TYR E 389 39.74 18.91 -15.91
N ALA E 390 40.70 19.70 -16.39
CA ALA E 390 41.56 20.47 -15.49
C ALA E 390 40.75 21.43 -14.64
N SER E 391 39.68 22.02 -15.21
CA SER E 391 38.84 22.90 -14.43
C SER E 391 38.14 22.15 -13.31
N PHE E 392 37.75 20.90 -13.57
CA PHE E 392 37.00 20.16 -12.56
C PHE E 392 37.91 19.45 -11.55
N SER E 393 39.04 18.91 -11.99
CA SER E 393 39.89 18.06 -11.17
C SER E 393 40.93 18.91 -10.43
N SER E 394 40.84 18.92 -9.09
CA SER E 394 41.74 19.74 -8.30
C SER E 394 43.18 19.25 -8.36
N SER E 395 43.40 17.94 -8.43
CA SER E 395 44.77 17.42 -8.41
C SER E 395 45.54 17.86 -9.65
N VAL E 396 44.95 17.65 -10.84
CA VAL E 396 45.62 18.01 -12.07
C VAL E 396 45.76 19.52 -12.18
N SER E 397 44.73 20.27 -11.75
CA SER E 397 44.84 21.72 -11.75
C SER E 397 46.02 22.18 -10.91
N SER E 398 46.19 21.60 -9.71
CA SER E 398 47.32 21.96 -8.88
C SER E 398 48.63 21.60 -9.55
N GLU E 399 48.68 20.45 -10.21
CA GLU E 399 49.92 20.05 -10.87
C GLU E 399 50.27 20.96 -12.04
N LEU E 400 49.27 21.55 -12.70
CA LEU E 400 49.50 22.35 -13.89
C LEU E 400 49.94 23.78 -13.57
N ARG E 401 50.07 24.14 -12.31
CA ARG E 401 50.52 25.46 -11.96
C ARG E 401 51.88 25.39 -11.28
N ALA E 436 20.44 8.16 -3.81
CA ALA E 436 21.29 8.56 -2.70
C ALA E 436 20.81 9.85 -2.04
N ARG E 437 20.51 10.85 -2.87
CA ARG E 437 20.17 12.17 -2.35
C ARG E 437 18.89 12.13 -1.50
N ARG E 438 17.82 11.54 -2.03
CA ARG E 438 16.55 11.51 -1.30
C ARG E 438 16.67 10.69 -0.02
N GLN E 439 17.36 9.55 -0.08
CA GLN E 439 17.58 8.75 1.12
C GLN E 439 18.44 9.51 2.12
N LEU E 440 19.43 10.26 1.65
CA LEU E 440 20.22 11.11 2.54
C LEU E 440 19.38 12.20 3.19
N ALA E 441 18.44 12.77 2.43
CA ALA E 441 17.54 13.78 3.00
C ALA E 441 16.64 13.17 4.08
N ASP E 442 16.16 11.95 3.84
CA ASP E 442 15.39 11.25 4.87
C ASP E 442 16.24 10.99 6.10
N LEU E 443 17.50 10.59 5.90
CA LEU E 443 18.40 10.40 7.03
C LEU E 443 18.61 11.69 7.80
N GLU E 444 18.78 12.81 7.09
CA GLU E 444 18.95 14.09 7.75
C GLU E 444 17.72 14.46 8.56
N ASP E 445 16.53 14.24 7.99
CA ASP E 445 15.30 14.57 8.72
C ASP E 445 15.17 13.73 9.98
N ASN E 446 15.48 12.43 9.88
CA ASN E 446 15.34 11.57 11.04
C ASN E 446 16.39 11.88 12.10
N TRP E 447 17.60 12.27 11.68
CA TRP E 447 18.63 12.64 12.64
C TRP E 447 18.32 13.98 13.30
N GLU E 448 17.73 14.91 12.56
CA GLU E 448 17.28 16.16 13.17
C GLU E 448 16.15 15.90 14.17
N THR E 449 15.25 14.97 13.84
CA THR E 449 14.21 14.58 14.79
C THR E 449 14.81 13.96 16.05
N LEU E 450 15.82 13.08 15.87
CA LEU E 450 16.49 12.49 17.02
C LEU E 450 17.17 13.54 17.87
N ASN E 451 17.83 14.52 17.24
CA ASN E 451 18.51 15.57 18.00
C ASN E 451 17.51 16.45 18.74
N ASP E 452 16.40 16.80 18.10
CA ASP E 452 15.38 17.60 18.78
C ASP E 452 14.78 16.84 19.96
N ASN E 453 14.55 15.53 19.78
CA ASN E 453 14.08 14.72 20.89
C ASN E 453 15.11 14.63 22.01
N LEU E 454 16.40 14.61 21.67
CA LEU E 454 17.43 14.65 22.70
C LEU E 454 17.38 15.97 23.47
N LYS E 455 17.16 17.08 22.75
CA LYS E 455 16.98 18.36 23.41
C LYS E 455 15.79 18.33 24.36
N VAL E 456 14.71 17.68 23.94
CA VAL E 456 13.54 17.56 24.81
C VAL E 456 13.86 16.72 26.03
N ILE E 457 14.60 15.63 25.84
CA ILE E 457 14.93 14.73 26.95
C ILE E 457 15.78 15.44 27.99
N GLU E 458 16.84 16.11 27.55
CA GLU E 458 17.78 16.68 28.51
C GLU E 458 17.15 17.80 29.32
N LYS E 459 16.17 18.50 28.74
CA LYS E 459 15.45 19.54 29.48
C LYS E 459 14.18 19.02 30.15
N ALA E 460 13.85 17.75 30.01
CA ALA E 460 12.60 17.22 30.54
C ALA E 460 12.58 17.25 32.06
N ASP E 461 11.39 17.44 32.61
CA ASP E 461 11.19 17.50 34.05
C ASP E 461 10.69 16.20 34.67
N ASN E 462 9.98 15.38 33.90
CA ASN E 462 9.31 14.22 34.46
C ASN E 462 9.34 13.06 33.46
N ALA E 463 8.83 11.91 33.91
CA ALA E 463 8.90 10.70 33.10
C ALA E 463 8.07 10.79 31.83
N ALA E 464 6.99 11.57 31.83
CA ALA E 464 6.08 11.59 30.69
C ALA E 464 6.73 12.23 29.47
N GLN E 465 7.38 13.37 29.65
CA GLN E 465 8.06 14.01 28.53
C GLN E 465 9.18 13.13 28.01
N VAL E 466 9.90 12.48 28.94
CA VAL E 466 10.98 11.57 28.52
C VAL E 466 10.43 10.43 27.66
N LYS E 467 9.32 9.82 28.11
CA LYS E 467 8.72 8.72 27.37
C LYS E 467 8.22 9.18 26.00
N ASP E 468 7.59 10.36 25.93
CA ASP E 468 7.10 10.87 24.66
C ASP E 468 8.25 11.12 23.69
N ALA E 469 9.30 11.82 24.16
CA ALA E 469 10.44 12.11 23.31
C ALA E 469 11.13 10.83 22.87
N LEU E 470 11.19 9.82 23.74
CA LEU E 470 11.80 8.55 23.36
C LEU E 470 10.93 7.78 22.38
N THR E 471 9.61 7.95 22.45
CA THR E 471 8.73 7.35 21.46
C THR E 471 9.01 7.94 20.08
N LYS E 472 9.09 9.28 20.01
CA LYS E 472 9.46 9.92 18.76
C LYS E 472 10.86 9.51 18.31
N MET E 473 11.77 9.36 19.26
CA MET E 473 13.11 8.87 18.95
C MET E 473 13.06 7.49 18.32
N ARG E 474 12.26 6.59 18.89
CA ARG E 474 12.14 5.25 18.34
C ARG E 474 11.63 5.29 16.91
N ALA E 475 10.57 6.07 16.67
CA ALA E 475 10.04 6.17 15.32
C ALA E 475 11.09 6.69 14.34
N ALA E 476 11.75 7.80 14.72
CA ALA E 476 12.75 8.41 13.86
C ALA E 476 13.92 7.47 13.62
N ALA E 477 14.35 6.75 14.65
CA ALA E 477 15.51 5.87 14.51
C ALA E 477 15.19 4.69 13.61
N LEU E 478 14.00 4.10 13.74
CA LEU E 478 13.63 3.03 12.82
C LEU E 478 13.55 3.55 11.39
N ASP E 479 12.98 4.74 11.20
CA ASP E 479 12.90 5.32 9.86
C ASP E 479 14.28 5.55 9.28
N ALA E 480 15.20 6.12 10.06
CA ALA E 480 16.56 6.34 9.58
C ALA E 480 17.26 5.01 9.30
N GLN E 481 17.04 4.02 10.15
CA GLN E 481 17.63 2.70 9.96
C GLN E 481 17.20 2.10 8.63
N LYS E 482 15.98 2.42 8.19
CA LYS E 482 15.54 1.93 6.89
C LYS E 482 16.27 2.64 5.74
N ALA E 483 16.45 3.97 5.86
CA ALA E 483 17.06 4.72 4.76
C ALA E 483 18.54 4.36 4.56
N THR E 484 18.99 4.46 3.29
CA THR E 484 20.36 4.16 2.84
C THR E 484 21.16 5.44 2.73
N PRO E 485 22.41 5.49 3.22
CA PRO E 485 23.28 6.67 3.05
C PRO E 485 23.48 7.05 1.59
N MET E 498 24.88 -1.86 4.43
CA MET E 498 23.90 -1.44 5.43
C MET E 498 24.08 -2.21 6.73
N LYS E 499 25.12 -3.04 6.79
CA LYS E 499 25.37 -3.83 7.99
C LYS E 499 25.67 -2.94 9.20
N ASP E 500 26.77 -2.20 9.14
CA ASP E 500 27.17 -1.38 10.27
C ASP E 500 26.24 -0.18 10.47
N PHE E 501 25.65 0.31 9.39
CA PHE E 501 24.63 1.34 9.48
C PHE E 501 23.48 0.91 10.39
N ARG E 502 22.82 -0.19 10.01
CA ARG E 502 21.71 -0.66 10.81
C ARG E 502 22.17 -1.17 12.17
N HIS E 503 23.42 -1.62 12.30
CA HIS E 503 23.92 -2.01 13.61
C HIS E 503 24.02 -0.81 14.55
N GLY E 504 24.57 0.30 14.04
CA GLY E 504 24.58 1.52 14.83
C GLY E 504 23.20 1.98 15.22
N PHE E 505 22.23 1.81 14.31
CA PHE E 505 20.86 2.19 14.68
C PHE E 505 20.22 1.19 15.63
N ASP E 506 20.64 -0.08 15.59
CA ASP E 506 20.26 -1.03 16.62
C ASP E 506 20.73 -0.55 17.99
N ILE E 507 21.96 -0.05 18.06
CA ILE E 507 22.48 0.48 19.32
C ILE E 507 21.69 1.70 19.75
N LEU E 508 21.38 2.60 18.81
CA LEU E 508 20.58 3.78 19.13
C LEU E 508 19.22 3.38 19.70
N VAL E 509 18.53 2.45 19.05
CA VAL E 509 17.21 2.04 19.50
C VAL E 509 17.29 1.33 20.84
N GLY E 510 18.30 0.50 21.04
CA GLY E 510 18.48 -0.16 22.33
C GLY E 510 18.71 0.82 23.46
N GLN E 511 19.51 1.86 23.21
CA GLN E 511 19.71 2.88 24.23
C GLN E 511 18.43 3.67 24.49
N ILE E 512 17.65 3.93 23.43
CA ILE E 512 16.36 4.57 23.61
C ILE E 512 15.44 3.69 24.45
N ASP E 513 15.50 2.37 24.23
CA ASP E 513 14.71 1.43 25.01
C ASP E 513 15.15 1.40 26.47
N ASP E 514 16.46 1.46 26.72
CA ASP E 514 16.94 1.52 28.10
C ASP E 514 16.43 2.78 28.79
N ALA E 515 16.48 3.91 28.08
CA ALA E 515 15.95 5.14 28.63
C ALA E 515 14.44 5.03 28.88
N LEU E 516 13.73 4.34 27.98
CA LEU E 516 12.29 4.15 28.17
C LEU E 516 12.00 3.28 29.39
N LYS E 517 12.78 2.21 29.58
CA LYS E 517 12.60 1.37 30.76
C LYS E 517 12.84 2.16 32.03
N LEU E 518 13.89 2.98 32.05
CA LEU E 518 14.15 3.81 33.21
C LEU E 518 13.05 4.84 33.43
N ALA E 519 12.54 5.44 32.35
CA ALA E 519 11.49 6.44 32.48
C ALA E 519 10.19 5.83 32.99
N ASN E 520 9.84 4.63 32.52
CA ASN E 520 8.60 4.00 32.95
C ASN E 520 8.65 3.61 34.43
N GLU E 521 9.86 3.38 34.96
CA GLU E 521 9.99 3.08 36.39
C GLU E 521 10.07 4.33 37.26
N GLY E 522 10.00 5.52 36.67
CA GLY E 522 10.13 6.76 37.41
C GLY E 522 11.56 7.25 37.59
N LYS E 523 12.54 6.56 37.00
CA LYS E 523 13.95 6.97 37.07
C LYS E 523 14.24 7.94 35.93
N VAL E 524 13.81 9.19 36.13
CA VAL E 524 13.89 10.19 35.07
C VAL E 524 15.35 10.50 34.73
N LYS E 525 16.18 10.72 35.75
CA LYS E 525 17.56 11.13 35.51
C LYS E 525 18.39 10.02 34.87
N GLU E 526 18.16 8.78 35.29
CA GLU E 526 18.86 7.65 34.66
C GLU E 526 18.42 7.48 33.22
N ALA E 527 17.14 7.73 32.95
CA ALA E 527 16.66 7.74 31.56
C ALA E 527 17.37 8.83 30.75
N GLN E 528 17.55 10.00 31.36
CA GLN E 528 18.26 11.09 30.68
C GLN E 528 19.71 10.71 30.38
N ALA E 529 20.36 10.01 31.31
CA ALA E 529 21.72 9.55 31.05
C ALA E 529 21.76 8.52 29.93
N ALA E 530 20.81 7.57 29.94
CA ALA E 530 20.74 6.60 28.86
C ALA E 530 20.53 7.28 27.52
N ALA E 531 19.74 8.36 27.51
CA ALA E 531 19.57 9.15 26.30
C ALA E 531 20.84 9.90 25.93
N GLU E 532 21.61 10.34 26.93
CA GLU E 532 22.89 10.98 26.65
C GLU E 532 23.86 10.05 25.95
N GLN E 533 23.76 8.74 26.25
CA GLN E 533 24.56 7.77 25.49
C GLN E 533 24.25 7.81 23.99
N LEU E 534 23.05 8.26 23.62
CA LEU E 534 22.69 8.37 22.21
C LEU E 534 23.58 9.38 21.50
N LYS E 535 24.04 10.42 22.19
CA LYS E 535 24.94 11.37 21.56
C LYS E 535 26.28 10.71 21.20
N THR E 536 26.78 9.86 22.09
CA THR E 536 28.00 9.10 21.81
C THR E 536 27.80 8.17 20.62
N THR E 537 26.69 7.44 20.60
CA THR E 537 26.42 6.54 19.48
C THR E 537 26.28 7.32 18.17
N ARG E 538 25.58 8.46 18.23
CA ARG E 538 25.41 9.32 17.06
C ARG E 538 26.75 9.79 16.53
N ASN E 539 27.61 10.30 17.41
CA ASN E 539 28.93 10.74 16.96
C ASN E 539 29.74 9.58 16.39
N ALA E 540 29.58 8.37 16.95
CA ALA E 540 30.32 7.23 16.44
C ALA E 540 29.87 6.84 15.03
N TYR E 541 28.58 6.86 14.74
CA TYR E 541 28.07 6.27 13.50
C TYR E 541 27.45 7.26 12.54
N ILE E 542 26.53 8.09 13.03
CA ILE E 542 25.76 8.97 12.16
C ILE E 542 26.66 9.97 11.47
N GLN E 543 27.74 10.41 12.12
CA GLN E 543 28.68 11.30 11.47
C GLN E 543 29.36 10.63 10.28
N LYS E 544 29.75 9.36 10.44
CA LYS E 544 30.32 8.64 9.31
C LYS E 544 29.31 8.53 8.18
N TYR E 545 28.05 8.27 8.52
CA TYR E 545 27.03 8.15 7.47
C TYR E 545 26.77 9.50 6.81
N LEU E 546 26.86 10.58 7.58
CA LEU E 546 26.77 11.93 7.03
C LEU E 546 27.92 12.21 6.06
N ARG E 547 29.08 11.62 6.32
CA ARG E 547 30.22 11.80 5.41
C ARG E 547 29.92 11.33 4.00
N ALA E 548 28.91 10.46 3.83
CA ALA E 548 28.54 10.02 2.49
C ALA E 548 28.07 11.18 1.63
N ARG E 549 27.64 12.29 2.24
CA ARG E 549 27.22 13.45 1.47
C ARG E 549 28.34 14.05 0.65
N SER E 550 29.60 13.81 1.02
CA SER E 550 30.73 14.27 0.23
C SER E 550 31.00 13.37 -0.97
N THR E 551 30.33 12.21 -1.06
CA THR E 551 30.48 11.31 -2.19
C THR E 551 29.35 11.47 -3.20
N LEU E 552 28.10 11.51 -2.72
CA LEU E 552 26.86 11.67 -3.52
C LEU E 552 27.03 11.86 -5.03
#